data_7FGP
#
_entry.id   7FGP
#
_cell.length_a   105.727
_cell.length_b   105.727
_cell.length_c   261.837
_cell.angle_alpha   90.000
_cell.angle_beta   90.000
_cell.angle_gamma   120.000
#
_symmetry.space_group_name_H-M   'P 65 2 2'
#
loop_
_entity.id
_entity.type
_entity.pdbx_description
1 polymer 'Glycine/D-amino acid oxidase'
2 non-polymer 'FLAVIN-ADENINE DINUCLEOTIDE'
3 non-polymer 'SULFATE ION'
4 non-polymer GLYCEROL
5 non-polymer DI(HYDROXYETHYL)ETHER
6 water water
#
_entity_poly.entity_id   1
_entity_poly.type   'polypeptide(L)'
_entity_poly.pdbx_seq_one_letter_code
;(MSE)GSSHHHHHHSQDLKAIVVGAGVIGSSVAYRLAQGGAQVTLVEADRVGGGTSCVSYAWVNACEKLTSHSYYKLNYA
GRQAHEAILDEFESPAWYHRPGVLQWQHAEAEAGGRDDNDPLDKYRQLVEWGYPAELIDARDVRELEPQINADAIGNAPV
IHYPQDGWLDPTLYAGSLTEAA(MSE)VRHGLTLVRGKVAGLVVESGRCTGVRLDDGSVLGADAVINCSGRWSNETVGEG
APHVPLAPTVGLIAYTAPAGIGLRRALRTPLVN(MSE)RPDGAGRLLLRSNELDQLVGNHDAPALDHPQALELLRRAEAT
VPALASVGIEAVRIAIRPIPQDSYSAVGPVPNLGNYWVAVTHSGVTLGAFIGEALADEVLNGRPRPELDDFRPARFFEQE
PA
;
_entity_poly.pdbx_strand_id   A,B
#
# COMPACT_ATOMS: atom_id res chain seq x y z
N GLN A 12 -30.59 12.32 27.33
CA GLN A 12 -31.39 12.10 26.12
C GLN A 12 -30.70 11.12 25.17
N ASP A 13 -29.46 11.43 24.82
CA ASP A 13 -28.75 10.71 23.76
C ASP A 13 -28.69 9.22 24.04
N LEU A 14 -29.01 8.42 23.03
CA LEU A 14 -28.96 6.97 23.14
C LEU A 14 -27.52 6.51 23.32
N LYS A 15 -27.30 5.61 24.28
CA LYS A 15 -25.99 5.03 24.53
C LYS A 15 -25.89 3.69 23.81
N ALA A 16 -24.94 3.59 22.87
CA ALA A 16 -24.78 2.39 22.07
C ALA A 16 -23.36 1.85 22.24
N ILE A 17 -23.26 0.54 22.44
CA ILE A 17 -21.98 -0.15 22.48
C ILE A 17 -21.87 -0.99 21.21
N VAL A 18 -20.77 -0.81 20.48
CA VAL A 18 -20.43 -1.64 19.34
C VAL A 18 -19.24 -2.50 19.74
N VAL A 19 -19.38 -3.81 19.62
CA VAL A 19 -18.31 -4.74 19.98
C VAL A 19 -17.61 -5.16 18.69
N GLY A 20 -16.32 -4.84 18.60
CA GLY A 20 -15.54 -5.16 17.42
C GLY A 20 -15.33 -3.96 16.53
N ALA A 21 -14.07 -3.67 16.20
CA ALA A 21 -13.70 -2.50 15.40
C ALA A 21 -13.07 -2.91 14.06
N GLY A 22 -13.66 -3.89 13.40
CA GLY A 22 -13.28 -4.25 12.05
C GLY A 22 -14.01 -3.39 11.03
N VAL A 23 -14.00 -3.86 9.78
CA VAL A 23 -14.67 -3.11 8.71
C VAL A 23 -16.15 -2.93 8.99
N ILE A 24 -16.77 -3.89 9.69
CA ILE A 24 -18.20 -3.79 9.97
C ILE A 24 -18.45 -2.91 11.20
N GLY A 25 -17.80 -3.23 12.32
CA GLY A 25 -18.04 -2.48 13.55
C GLY A 25 -17.66 -1.02 13.43
N SER A 26 -16.56 -0.72 12.75
CA SER A 26 -16.18 0.69 12.56
C SER A 26 -17.25 1.43 11.76
N SER A 27 -17.89 0.75 10.79
CA SER A 27 -18.94 1.38 10.01
C SER A 27 -20.18 1.64 10.86
N VAL A 28 -20.59 0.64 11.66
CA VAL A 28 -21.74 0.80 12.53
C VAL A 28 -21.49 1.91 13.55
N ALA A 29 -20.31 1.92 14.14
CA ALA A 29 -19.99 2.92 15.16
C ALA A 29 -19.96 4.32 14.56
N TYR A 30 -19.38 4.46 13.37
CA TYR A 30 -19.30 5.76 12.72
C TYR A 30 -20.69 6.31 12.40
N ARG A 31 -21.55 5.48 11.79
CA ARG A 31 -22.89 5.96 11.42
C ARG A 31 -23.75 6.21 12.65
N LEU A 32 -23.59 5.42 13.71
CA LEU A 32 -24.35 5.67 14.94
C LEU A 32 -23.93 6.98 15.58
N ALA A 33 -22.62 7.22 15.67
CA ALA A 33 -22.14 8.45 16.28
C ALA A 33 -22.56 9.66 15.45
N GLN A 34 -22.42 9.56 14.13
CA GLN A 34 -22.90 10.61 13.24
C GLN A 34 -24.38 10.87 13.42
N GLY A 35 -25.16 9.82 13.70
CA GLY A 35 -26.59 9.94 13.93
C GLY A 35 -26.99 10.49 15.27
N GLY A 36 -26.04 10.77 16.16
CA GLY A 36 -26.34 11.39 17.44
C GLY A 36 -26.21 10.48 18.65
N ALA A 37 -25.94 9.20 18.46
CA ALA A 37 -25.79 8.29 19.59
C ALA A 37 -24.45 8.50 20.29
N GLN A 38 -24.42 8.22 21.58
CA GLN A 38 -23.19 8.21 22.37
C GLN A 38 -22.60 6.81 22.26
N VAL A 39 -21.55 6.67 21.46
CA VAL A 39 -21.05 5.36 21.03
C VAL A 39 -19.79 5.01 21.79
N THR A 40 -19.75 3.80 22.34
CA THR A 40 -18.55 3.21 22.92
C THR A 40 -18.18 2.01 22.06
N LEU A 41 -17.00 2.07 21.44
CA LEU A 41 -16.51 1.00 20.57
C LEU A 41 -15.52 0.17 21.37
N VAL A 42 -15.84 -1.10 21.59
CA VAL A 42 -15.06 -2.00 22.43
C VAL A 42 -14.33 -2.99 21.54
N GLU A 43 -13.00 -3.00 21.62
CA GLU A 43 -12.17 -3.81 20.74
C GLU A 43 -11.08 -4.48 21.57
N ALA A 44 -11.01 -5.82 21.50
CA ALA A 44 -10.11 -6.58 22.35
C ALA A 44 -8.66 -6.53 21.88
N ASP A 45 -8.43 -6.31 20.59
CA ASP A 45 -7.08 -6.34 20.04
C ASP A 45 -6.69 -4.94 19.60
N ARG A 46 -7.07 -4.56 18.38
CA ARG A 46 -6.80 -3.24 17.85
C ARG A 46 -7.76 -2.97 16.71
N VAL A 47 -7.97 -1.68 16.42
CA VAL A 47 -8.86 -1.30 15.33
C VAL A 47 -8.34 -1.89 14.03
N GLY A 48 -9.21 -2.62 13.33
CA GLY A 48 -8.86 -3.20 12.06
C GLY A 48 -7.88 -4.35 12.10
N GLY A 49 -7.62 -4.92 13.27
CA GLY A 49 -6.62 -5.96 13.41
C GLY A 49 -7.08 -7.38 13.22
N GLY A 50 -8.36 -7.60 12.93
CA GLY A 50 -8.89 -8.96 12.82
C GLY A 50 -8.87 -9.49 11.40
N THR A 51 -9.94 -10.16 11.00
CA THR A 51 -10.00 -10.71 9.64
C THR A 51 -9.97 -9.61 8.59
N SER A 52 -10.41 -8.39 8.94
CA SER A 52 -10.34 -7.28 7.99
C SER A 52 -8.91 -6.96 7.57
N CYS A 53 -7.91 -7.34 8.36
CA CYS A 53 -6.52 -7.13 8.01
C CYS A 53 -6.00 -8.19 7.05
N VAL A 54 -6.75 -9.27 6.83
CA VAL A 54 -6.32 -10.40 6.01
C VAL A 54 -7.40 -10.69 4.97
N SER A 55 -7.50 -9.83 3.97
CA SER A 55 -8.61 -9.92 3.02
C SER A 55 -8.16 -9.44 1.65
N TYR A 56 -8.63 -10.13 0.61
CA TYR A 56 -8.48 -9.61 -0.74
C TYR A 56 -9.26 -8.31 -0.91
N ALA A 57 -10.37 -8.18 -0.19
CA ALA A 57 -11.09 -6.91 -0.03
C ALA A 57 -11.63 -6.35 -1.36
N TRP A 58 -11.92 -7.22 -2.33
CA TRP A 58 -12.60 -6.78 -3.54
C TRP A 58 -14.03 -6.37 -3.20
N VAL A 59 -14.34 -5.09 -3.43
CA VAL A 59 -15.68 -4.56 -3.21
C VAL A 59 -16.50 -4.92 -4.45
N ASN A 60 -17.37 -5.93 -4.34
CA ASN A 60 -17.97 -6.48 -5.55
C ASN A 60 -19.36 -7.04 -5.27
N ALA A 61 -20.20 -7.00 -6.31
CA ALA A 61 -21.42 -7.78 -6.35
C ALA A 61 -21.39 -8.86 -7.42
N CYS A 62 -20.39 -8.84 -8.31
CA CYS A 62 -20.37 -9.72 -9.47
C CYS A 62 -20.06 -11.17 -9.12
N GLU A 63 -19.59 -11.46 -7.90
CA GLU A 63 -19.41 -12.84 -7.48
C GLU A 63 -20.70 -13.46 -6.97
N LYS A 64 -21.79 -12.70 -6.92
CA LYS A 64 -23.06 -13.14 -6.36
C LYS A 64 -24.12 -13.14 -7.45
N LEU A 65 -24.00 -14.08 -8.39
CA LEU A 65 -24.92 -14.17 -9.51
C LEU A 65 -25.96 -15.26 -9.35
N THR A 66 -26.00 -15.94 -8.21
CA THR A 66 -27.01 -16.96 -7.95
C THR A 66 -28.21 -16.44 -7.20
N SER A 67 -28.01 -15.56 -6.23
CA SER A 67 -29.08 -14.95 -5.44
C SER A 67 -29.22 -13.49 -5.84
N HIS A 68 -30.34 -13.14 -6.47
CA HIS A 68 -30.52 -11.75 -6.89
C HIS A 68 -30.58 -10.82 -5.68
N SER A 69 -31.22 -11.24 -4.59
CA SER A 69 -31.29 -10.38 -3.43
C SER A 69 -29.93 -10.21 -2.77
N TYR A 70 -29.10 -11.27 -2.76
CA TYR A 70 -27.74 -11.12 -2.25
C TYR A 70 -26.90 -10.24 -3.18
N TYR A 71 -27.11 -10.38 -4.49
CA TYR A 71 -26.47 -9.46 -5.43
C TYR A 71 -26.84 -8.01 -5.11
N LYS A 72 -28.14 -7.75 -4.91
CA LYS A 72 -28.58 -6.39 -4.64
C LYS A 72 -28.01 -5.86 -3.34
N LEU A 73 -27.89 -6.73 -2.33
CA LEU A 73 -27.28 -6.32 -1.06
C LEU A 73 -25.82 -5.95 -1.25
N ASN A 74 -25.08 -6.79 -1.98
CA ASN A 74 -23.68 -6.49 -2.24
C ASN A 74 -23.51 -5.26 -3.13
N TYR A 75 -24.44 -5.05 -4.06
CA TYR A 75 -24.36 -3.85 -4.89
C TYR A 75 -24.59 -2.59 -4.05
N ALA A 76 -25.55 -2.66 -3.11
CA ALA A 76 -25.75 -1.55 -2.20
C ALA A 76 -24.51 -1.31 -1.34
N GLY A 77 -23.81 -2.38 -0.96
CA GLY A 77 -22.57 -2.23 -0.24
C GLY A 77 -21.50 -1.53 -1.07
N ARG A 78 -21.37 -1.93 -2.34
CA ARG A 78 -20.41 -1.29 -3.23
C ARG A 78 -20.72 0.20 -3.38
N GLN A 79 -21.99 0.55 -3.59
CA GLN A 79 -22.34 1.95 -3.75
C GLN A 79 -22.05 2.75 -2.48
N ALA A 80 -22.28 2.14 -1.31
CA ALA A 80 -22.04 2.85 -0.05
C ALA A 80 -20.56 3.15 0.14
N HIS A 81 -19.68 2.30 -0.38
CA HIS A 81 -18.25 2.56 -0.24
C HIS A 81 -17.80 3.75 -1.10
N GLU A 82 -18.44 3.96 -2.25
CA GLU A 82 -18.14 5.16 -3.02
C GLU A 82 -18.68 6.41 -2.34
N ALA A 83 -19.91 6.33 -1.81
CA ALA A 83 -20.56 7.51 -1.25
C ALA A 83 -19.83 8.03 -0.02
N ILE A 84 -19.31 7.13 0.83
CA ILE A 84 -18.72 7.55 2.09
C ILE A 84 -17.43 8.33 1.88
N LEU A 85 -16.75 8.15 0.74
CA LEU A 85 -15.49 8.85 0.51
C LEU A 85 -15.62 10.36 0.60
N ASP A 86 -16.79 10.89 0.23
CA ASP A 86 -17.01 12.33 0.23
C ASP A 86 -16.98 12.94 1.63
N GLU A 87 -17.04 12.12 2.68
CA GLU A 87 -17.05 12.61 4.05
C GLU A 87 -15.64 12.68 4.65
N PHE A 88 -14.60 12.45 3.86
CA PHE A 88 -13.24 12.36 4.37
C PHE A 88 -12.28 13.14 3.48
N GLU A 89 -11.19 13.61 4.10
CA GLU A 89 -10.13 14.29 3.37
C GLU A 89 -9.14 13.27 2.83
N SER A 90 -8.85 13.37 1.54
CA SER A 90 -7.89 12.51 0.83
C SER A 90 -7.97 11.05 1.27
N PRO A 91 -9.14 10.42 1.17
CA PRO A 91 -9.22 9.00 1.57
C PRO A 91 -8.43 8.14 0.59
N ALA A 92 -7.55 7.31 1.13
CA ALA A 92 -6.62 6.53 0.33
C ALA A 92 -6.87 5.03 0.40
N TRP A 93 -8.09 4.62 0.74
CA TRP A 93 -8.37 3.23 1.07
C TRP A 93 -9.23 2.49 0.05
N TYR A 94 -9.62 3.12 -1.05
CA TYR A 94 -10.47 2.48 -2.05
C TYR A 94 -9.83 2.64 -3.41
N HIS A 95 -9.13 1.61 -3.87
CA HIS A 95 -8.37 1.64 -5.12
C HIS A 95 -9.19 0.97 -6.21
N ARG A 96 -9.45 1.69 -7.29
CA ARG A 96 -10.36 1.20 -8.34
C ARG A 96 -9.69 1.25 -9.72
N PRO A 97 -8.60 0.50 -9.92
CA PRO A 97 -7.96 0.47 -11.23
C PRO A 97 -8.56 -0.55 -12.19
N GLY A 98 -9.49 -1.36 -11.74
CA GLY A 98 -10.07 -2.41 -12.55
C GLY A 98 -9.67 -3.79 -12.06
N VAL A 99 -10.52 -4.77 -12.37
CA VAL A 99 -10.30 -6.17 -12.00
C VAL A 99 -10.46 -7.03 -13.24
N LEU A 100 -9.52 -7.95 -13.46
CA LEU A 100 -9.58 -8.91 -14.57
C LEU A 100 -9.86 -10.28 -13.99
N GLN A 101 -10.92 -10.93 -14.49
CA GLN A 101 -11.42 -12.18 -13.92
C GLN A 101 -11.53 -13.22 -15.03
N TRP A 102 -10.86 -14.36 -14.84
CA TRP A 102 -10.80 -15.42 -15.82
C TRP A 102 -11.96 -16.40 -15.61
N GLN A 103 -12.31 -17.11 -16.68
CA GLN A 103 -13.10 -18.32 -16.52
C GLN A 103 -12.29 -19.31 -15.69
N HIS A 104 -12.98 -20.05 -14.82
CA HIS A 104 -12.39 -20.98 -13.86
C HIS A 104 -11.67 -20.29 -12.71
N ALA A 105 -11.87 -18.98 -12.53
CA ALA A 105 -11.30 -18.30 -11.39
C ALA A 105 -12.04 -18.70 -10.12
N GLU A 106 -11.29 -18.77 -9.02
CA GLU A 106 -11.91 -18.97 -7.73
C GLU A 106 -12.58 -17.68 -7.27
N ALA A 107 -13.67 -17.82 -6.55
CA ALA A 107 -14.39 -16.67 -6.01
C ALA A 107 -14.00 -16.47 -4.55
N GLU A 108 -13.80 -15.21 -4.17
CA GLU A 108 -13.64 -14.90 -2.75
C GLU A 108 -14.84 -15.37 -1.95
N ALA A 109 -16.04 -15.24 -2.53
CA ALA A 109 -17.25 -15.68 -1.87
C ALA A 109 -17.36 -17.19 -1.77
N GLY A 110 -16.46 -17.94 -2.41
CA GLY A 110 -16.43 -19.39 -2.30
C GLY A 110 -16.60 -20.11 -3.62
N GLY A 111 -15.84 -21.18 -3.81
CA GLY A 111 -15.99 -22.02 -4.98
C GLY A 111 -15.21 -21.53 -6.19
N ARG A 112 -15.23 -22.35 -7.24
CA ARG A 112 -14.61 -22.04 -8.51
C ARG A 112 -15.70 -21.83 -9.55
N ASP A 113 -15.61 -20.75 -10.30
CA ASP A 113 -16.64 -20.35 -11.27
C ASP A 113 -16.23 -20.83 -12.65
N ASP A 114 -16.89 -21.88 -13.14
CA ASP A 114 -16.58 -22.47 -14.44
C ASP A 114 -17.53 -22.00 -15.54
N ASN A 115 -18.44 -21.08 -15.25
CA ASN A 115 -19.45 -20.68 -16.21
C ASN A 115 -18.83 -19.96 -17.40
N ASP A 116 -19.50 -20.10 -18.54
CA ASP A 116 -19.01 -19.49 -19.77
C ASP A 116 -19.04 -17.97 -19.62
N PRO A 117 -17.94 -17.27 -19.97
CA PRO A 117 -17.91 -15.81 -19.79
C PRO A 117 -18.99 -15.05 -20.54
N LEU A 118 -19.40 -15.53 -21.72
CA LEU A 118 -20.44 -14.82 -22.47
C LEU A 118 -21.80 -14.94 -21.80
N ASP A 119 -22.13 -16.13 -21.30
CA ASP A 119 -23.35 -16.31 -20.51
C ASP A 119 -23.31 -15.43 -19.26
N LYS A 120 -22.18 -15.45 -18.57
CA LYS A 120 -22.00 -14.64 -17.36
C LYS A 120 -22.14 -13.16 -17.68
N TYR A 121 -21.55 -12.72 -18.80
CA TYR A 121 -21.63 -11.31 -19.16
C TYR A 121 -23.07 -10.89 -19.43
N ARG A 122 -23.84 -11.74 -20.11
CA ARG A 122 -25.25 -11.43 -20.34
C ARG A 122 -25.99 -11.17 -19.03
N GLN A 123 -25.71 -11.99 -18.01
CA GLN A 123 -26.37 -11.80 -16.72
C GLN A 123 -25.88 -10.53 -16.04
N LEU A 124 -24.57 -10.25 -16.11
CA LEU A 124 -24.04 -9.02 -15.53
C LEU A 124 -24.68 -7.80 -16.15
N VAL A 125 -24.87 -7.82 -17.47
CA VAL A 125 -25.51 -6.70 -18.16
C VAL A 125 -26.95 -6.55 -17.70
N GLU A 126 -27.69 -7.67 -17.66
CA GLU A 126 -29.09 -7.61 -17.25
C GLU A 126 -29.25 -7.08 -15.83
N TRP A 127 -28.31 -7.40 -14.95
CA TRP A 127 -28.36 -6.94 -13.57
C TRP A 127 -27.64 -5.62 -13.35
N GLY A 128 -27.09 -5.01 -14.40
CA GLY A 128 -26.56 -3.67 -14.32
C GLY A 128 -25.17 -3.54 -13.75
N TYR A 129 -24.35 -4.59 -13.81
CA TYR A 129 -23.01 -4.45 -13.25
C TYR A 129 -22.05 -3.94 -14.31
N PRO A 130 -21.20 -2.96 -13.98
CA PRO A 130 -20.24 -2.44 -14.96
C PRO A 130 -19.17 -3.45 -15.33
N ALA A 131 -19.16 -3.90 -16.58
CA ALA A 131 -18.26 -4.94 -17.01
C ALA A 131 -18.13 -4.91 -18.53
N GLU A 132 -17.07 -5.57 -19.01
CA GLU A 132 -16.84 -5.75 -20.43
C GLU A 132 -16.02 -7.01 -20.61
N LEU A 133 -16.03 -7.56 -21.83
CA LEU A 133 -15.25 -8.74 -22.15
C LEU A 133 -14.00 -8.34 -22.93
N ILE A 134 -12.91 -9.05 -22.67
CA ILE A 134 -11.65 -8.87 -23.38
C ILE A 134 -11.26 -10.20 -23.98
N ASP A 135 -10.97 -10.22 -25.28
CA ASP A 135 -10.43 -11.42 -25.88
C ASP A 135 -9.12 -11.78 -25.20
N ALA A 136 -8.89 -13.09 -25.01
CA ALA A 136 -7.67 -13.54 -24.34
C ALA A 136 -6.42 -12.99 -25.01
N ARG A 137 -6.45 -12.83 -26.34
CA ARG A 137 -5.31 -12.32 -27.08
C ARG A 137 -5.11 -10.81 -26.93
N ASP A 138 -6.05 -10.12 -26.28
CA ASP A 138 -5.94 -8.68 -26.05
C ASP A 138 -5.69 -8.33 -24.59
N VAL A 139 -5.60 -9.33 -23.70
CA VAL A 139 -5.39 -9.06 -22.28
C VAL A 139 -4.06 -8.35 -22.07
N ARG A 140 -3.03 -8.74 -22.81
CA ARG A 140 -1.71 -8.13 -22.62
C ARG A 140 -1.65 -6.68 -23.08
N GLU A 141 -2.66 -6.18 -23.81
CA GLU A 141 -2.71 -4.75 -24.05
C GLU A 141 -2.99 -3.98 -22.76
N LEU A 142 -3.75 -4.58 -21.84
CA LEU A 142 -4.02 -3.94 -20.55
C LEU A 142 -2.89 -4.18 -19.57
N GLU A 143 -2.39 -5.41 -19.49
CA GLU A 143 -1.32 -5.78 -18.57
C GLU A 143 -0.27 -6.58 -19.33
N PRO A 144 0.69 -5.91 -19.97
CA PRO A 144 1.62 -6.60 -20.86
C PRO A 144 2.58 -7.56 -20.17
N GLN A 145 2.75 -7.48 -18.86
CA GLN A 145 3.71 -8.34 -18.19
C GLN A 145 3.12 -9.69 -17.78
N ILE A 146 1.84 -9.94 -18.06
CA ILE A 146 1.29 -11.27 -17.88
C ILE A 146 1.90 -12.22 -18.89
N ASN A 147 2.28 -13.41 -18.42
CA ASN A 147 2.82 -14.45 -19.29
C ASN A 147 1.78 -14.84 -20.32
N ALA A 148 2.19 -14.81 -21.60
CA ALA A 148 1.26 -15.20 -22.67
C ALA A 148 0.75 -16.62 -22.48
N ASP A 149 1.58 -17.52 -21.93
CA ASP A 149 1.18 -18.90 -21.72
C ASP A 149 0.23 -19.09 -20.54
N ALA A 150 0.06 -18.07 -19.70
CA ALA A 150 -0.79 -18.19 -18.51
C ALA A 150 -2.23 -17.75 -18.76
N ILE A 151 -2.52 -17.16 -19.91
CA ILE A 151 -3.79 -16.47 -20.11
C ILE A 151 -4.90 -17.43 -20.49
N GLY A 152 -4.62 -18.44 -21.30
CA GLY A 152 -5.66 -19.29 -21.80
C GLY A 152 -6.31 -18.71 -23.04
N ASN A 153 -7.42 -19.34 -23.45
CA ASN A 153 -8.06 -18.98 -24.71
C ASN A 153 -9.44 -18.36 -24.57
N ALA A 154 -10.08 -18.48 -23.40
CA ALA A 154 -11.41 -17.96 -23.20
C ALA A 154 -11.38 -16.46 -22.93
N PRO A 155 -12.48 -15.75 -23.20
CA PRO A 155 -12.54 -14.32 -22.89
C PRO A 155 -12.39 -14.08 -21.40
N VAL A 156 -11.82 -12.92 -21.07
CA VAL A 156 -11.62 -12.49 -19.69
C VAL A 156 -12.60 -11.36 -19.40
N ILE A 157 -13.22 -11.39 -18.23
CA ILE A 157 -14.12 -10.33 -17.81
C ILE A 157 -13.33 -9.21 -17.17
N HIS A 158 -13.53 -7.99 -17.66
CA HIS A 158 -12.90 -6.80 -17.11
C HIS A 158 -13.96 -5.98 -16.40
N TYR A 159 -13.76 -5.75 -15.11
CA TYR A 159 -14.62 -4.86 -14.34
C TYR A 159 -13.86 -3.54 -14.21
N PRO A 160 -14.06 -2.61 -15.14
CA PRO A 160 -13.11 -1.49 -15.26
C PRO A 160 -13.22 -0.46 -14.16
N GLN A 161 -14.34 -0.42 -13.43
CA GLN A 161 -14.55 0.53 -12.34
C GLN A 161 -14.44 -0.12 -10.97
N ASP A 162 -14.01 -1.37 -10.92
CA ASP A 162 -13.97 -2.12 -9.67
C ASP A 162 -12.60 -2.05 -9.02
N GLY A 163 -12.58 -2.32 -7.73
CA GLY A 163 -11.32 -2.41 -7.02
C GLY A 163 -11.51 -2.89 -5.60
N TRP A 164 -10.49 -2.62 -4.79
CA TRP A 164 -10.41 -3.19 -3.45
C TRP A 164 -10.29 -2.10 -2.39
N LEU A 165 -10.69 -2.48 -1.18
CA LEU A 165 -10.57 -1.63 -0.01
C LEU A 165 -9.29 -1.97 0.75
N ASP A 166 -8.85 -1.02 1.56
CA ASP A 166 -7.84 -1.25 2.59
C ASP A 166 -8.62 -1.23 3.90
N PRO A 167 -9.15 -2.37 4.35
CA PRO A 167 -10.12 -2.35 5.46
C PRO A 167 -9.57 -1.82 6.78
N THR A 168 -8.28 -2.05 7.06
CA THR A 168 -7.71 -1.56 8.31
C THR A 168 -7.58 -0.04 8.30
N LEU A 169 -7.13 0.53 7.17
CA LEU A 169 -7.06 1.98 7.02
C LEU A 169 -8.45 2.60 7.05
N TYR A 170 -9.41 1.96 6.38
CA TYR A 170 -10.81 2.39 6.44
C TYR A 170 -11.32 2.42 7.88
N ALA A 171 -11.14 1.31 8.61
CA ALA A 171 -11.63 1.25 9.98
C ALA A 171 -10.95 2.29 10.86
N GLY A 172 -9.65 2.50 10.67
CA GLY A 172 -8.95 3.50 11.46
C GLY A 172 -9.43 4.91 11.15
N SER A 173 -9.73 5.19 9.89
CA SER A 173 -10.18 6.53 9.50
C SER A 173 -11.58 6.82 10.01
N LEU A 174 -12.48 5.84 9.90
CA LEU A 174 -13.84 6.04 10.41
C LEU A 174 -13.84 6.21 11.92
N THR A 175 -13.00 5.43 12.62
CA THR A 175 -12.93 5.55 14.08
C THR A 175 -12.37 6.91 14.48
N GLU A 176 -11.35 7.39 13.76
CA GLU A 176 -10.81 8.72 14.05
C GLU A 176 -11.88 9.79 13.87
N ALA A 177 -12.63 9.72 12.77
CA ALA A 177 -13.66 10.72 12.52
C ALA A 177 -14.77 10.63 13.56
N ALA A 178 -15.17 9.43 13.93
CA ALA A 178 -16.23 9.27 14.92
C ALA A 178 -15.83 9.86 16.26
N VAL A 180 -13.41 12.31 16.79
CA VAL A 180 -13.15 13.75 16.72
C VAL A 180 -14.45 14.52 16.49
N ARG A 181 -15.28 14.06 15.55
CA ARG A 181 -16.48 14.80 15.18
C ARG A 181 -17.66 14.50 16.08
N HIS A 182 -17.78 13.27 16.59
CA HIS A 182 -19.02 12.83 17.21
C HIS A 182 -18.84 12.23 18.61
N GLY A 183 -17.67 12.37 19.22
CA GLY A 183 -17.51 12.00 20.61
C GLY A 183 -17.48 10.51 20.89
N LEU A 184 -17.23 9.67 19.89
CA LEU A 184 -17.08 8.24 20.13
C LEU A 184 -15.90 8.00 21.07
N THR A 185 -16.05 7.02 21.95
CA THR A 185 -14.96 6.56 22.79
C THR A 185 -14.54 5.15 22.38
N LEU A 186 -13.24 4.90 22.39
CA LEU A 186 -12.67 3.61 22.06
C LEU A 186 -12.17 2.96 23.34
N VAL A 187 -12.65 1.75 23.62
CA VAL A 187 -12.27 0.99 24.81
C VAL A 187 -11.51 -0.25 24.35
N ARG A 188 -10.30 -0.42 24.85
CA ARG A 188 -9.56 -1.65 24.62
C ARG A 188 -9.93 -2.63 25.72
N GLY A 189 -10.86 -3.53 25.41
CA GLY A 189 -11.31 -4.53 26.36
C GLY A 189 -11.95 -5.68 25.63
N LYS A 190 -12.13 -6.78 26.33
CA LYS A 190 -12.69 -8.00 25.77
C LYS A 190 -14.06 -8.26 26.39
N VAL A 191 -15.09 -8.23 25.56
CA VAL A 191 -16.43 -8.56 26.03
C VAL A 191 -16.52 -10.06 26.30
N ALA A 192 -17.02 -10.41 27.49
CA ALA A 192 -17.20 -11.80 27.87
C ALA A 192 -18.66 -12.25 27.83
N GLY A 193 -19.60 -11.32 27.80
CA GLY A 193 -21.00 -11.68 27.76
C GLY A 193 -21.85 -10.43 27.81
N LEU A 194 -23.16 -10.64 27.86
CA LEU A 194 -24.13 -9.58 27.90
C LEU A 194 -24.77 -9.49 29.28
N VAL A 195 -25.20 -8.30 29.65
CA VAL A 195 -26.06 -8.09 30.81
C VAL A 195 -27.50 -8.11 30.30
N VAL A 196 -28.31 -9.01 30.84
CA VAL A 196 -29.67 -9.23 30.36
C VAL A 196 -30.62 -9.12 31.54
N GLU A 197 -31.61 -8.23 31.42
CA GLU A 197 -32.61 -8.01 32.46
C GLU A 197 -33.99 -8.06 31.81
N SER A 198 -34.82 -9.00 32.26
CA SER A 198 -36.20 -9.13 31.77
C SER A 198 -36.26 -9.24 30.25
N GLY A 199 -35.38 -10.08 29.70
CA GLY A 199 -35.36 -10.32 28.27
C GLY A 199 -34.80 -9.20 27.42
N ARG A 200 -34.14 -8.21 28.03
CA ARG A 200 -33.54 -7.11 27.31
C ARG A 200 -32.07 -6.97 27.70
N CYS A 201 -31.23 -6.73 26.71
CA CYS A 201 -29.81 -6.50 26.97
C CYS A 201 -29.63 -5.08 27.46
N THR A 202 -28.90 -4.92 28.57
CA THR A 202 -28.67 -3.61 29.18
C THR A 202 -27.21 -3.22 29.18
N GLY A 203 -26.35 -3.94 28.48
CA GLY A 203 -24.95 -3.62 28.42
C GLY A 203 -24.13 -4.88 28.21
N VAL A 204 -22.82 -4.72 28.37
CA VAL A 204 -21.87 -5.82 28.19
C VAL A 204 -21.06 -5.99 29.46
N ARG A 205 -20.56 -7.21 29.65
CA ARG A 205 -19.65 -7.55 30.73
C ARG A 205 -18.28 -7.85 30.13
N LEU A 206 -17.25 -7.19 30.64
CA LEU A 206 -15.90 -7.45 30.18
C LEU A 206 -15.31 -8.64 30.92
N ASP A 207 -14.16 -9.12 30.44
CA ASP A 207 -13.56 -10.31 31.04
C ASP A 207 -12.97 -10.07 32.41
N ASP A 208 -12.93 -8.82 32.87
CA ASP A 208 -12.57 -8.52 34.25
C ASP A 208 -13.79 -8.40 35.17
N GLY A 209 -14.98 -8.69 34.66
CA GLY A 209 -16.20 -8.57 35.42
C GLY A 209 -16.82 -7.19 35.42
N SER A 210 -16.10 -6.17 34.95
CA SER A 210 -16.67 -4.84 34.88
C SER A 210 -17.82 -4.82 33.88
N VAL A 211 -18.72 -3.85 34.08
CA VAL A 211 -19.93 -3.72 33.26
C VAL A 211 -19.89 -2.37 32.56
N LEU A 212 -20.28 -2.37 31.29
CA LEU A 212 -20.49 -1.16 30.52
C LEU A 212 -21.97 -1.13 30.13
N GLY A 213 -22.72 -0.22 30.75
CA GLY A 213 -24.15 -0.14 30.46
C GLY A 213 -24.43 0.59 29.17
N ALA A 214 -25.53 0.21 28.52
CA ALA A 214 -25.91 0.84 27.27
C ALA A 214 -27.39 0.61 26.98
N ASP A 215 -27.92 1.44 26.10
CA ASP A 215 -29.28 1.28 25.60
C ASP A 215 -29.36 0.34 24.40
N ALA A 216 -28.24 0.10 23.74
CA ALA A 216 -28.18 -0.79 22.58
C ALA A 216 -26.80 -1.40 22.51
N VAL A 217 -26.75 -2.70 22.18
CA VAL A 217 -25.50 -3.41 21.97
C VAL A 217 -25.52 -4.02 20.59
N ILE A 218 -24.49 -3.74 19.80
CA ILE A 218 -24.36 -4.25 18.43
C ILE A 218 -23.10 -5.09 18.36
N ASN A 219 -23.27 -6.40 18.15
CA ASN A 219 -22.17 -7.35 18.17
C ASN A 219 -21.60 -7.46 16.75
N CYS A 220 -20.44 -6.85 16.54
CA CYS A 220 -19.75 -6.91 15.26
C CYS A 220 -18.38 -7.54 15.44
N SER A 221 -18.34 -8.73 16.06
CA SER A 221 -17.08 -9.36 16.41
C SER A 221 -16.67 -10.45 15.41
N GLY A 222 -17.18 -10.38 14.17
CA GLY A 222 -16.67 -11.23 13.10
C GLY A 222 -16.82 -12.70 13.41
N ARG A 223 -15.75 -13.45 13.12
CA ARG A 223 -15.78 -14.91 13.33
C ARG A 223 -15.86 -15.29 14.80
N TRP A 224 -15.64 -14.34 15.71
CA TRP A 224 -15.80 -14.56 17.14
C TRP A 224 -17.20 -14.26 17.63
N SER A 225 -18.16 -14.08 16.71
CA SER A 225 -19.47 -13.54 17.06
C SER A 225 -20.13 -14.26 18.22
N ASN A 226 -20.10 -15.59 18.21
CA ASN A 226 -20.77 -16.36 19.24
C ASN A 226 -19.96 -16.43 20.53
N GLU A 227 -18.62 -16.47 20.43
CA GLU A 227 -17.80 -16.46 21.63
C GLU A 227 -17.98 -15.17 22.42
N THR A 228 -18.30 -14.07 21.74
CA THR A 228 -18.44 -12.78 22.40
C THR A 228 -19.62 -12.77 23.37
N VAL A 229 -20.73 -13.38 22.98
CA VAL A 229 -21.93 -13.33 23.81
C VAL A 229 -22.05 -14.52 24.77
N GLY A 230 -21.39 -15.64 24.49
CA GLY A 230 -21.48 -16.79 25.37
C GLY A 230 -22.92 -17.26 25.49
N GLU A 231 -23.35 -17.48 26.74
CA GLU A 231 -24.71 -17.94 27.01
C GLU A 231 -25.72 -16.81 27.06
N GLY A 232 -25.29 -15.57 26.85
CA GLY A 232 -26.18 -14.42 27.00
C GLY A 232 -27.08 -14.11 25.83
N ALA A 233 -26.80 -14.66 24.65
CA ALA A 233 -27.60 -14.36 23.48
C ALA A 233 -27.68 -15.60 22.61
N PRO A 234 -28.74 -15.73 21.80
CA PRO A 234 -28.77 -16.78 20.79
C PRO A 234 -27.55 -16.66 19.87
N HIS A 235 -27.17 -17.78 19.27
CA HIS A 235 -26.00 -17.85 18.42
C HIS A 235 -26.43 -17.98 16.96
N VAL A 236 -25.71 -17.29 16.07
CA VAL A 236 -25.85 -17.47 14.63
C VAL A 236 -24.94 -18.63 14.24
N PRO A 237 -25.46 -19.69 13.64
CA PRO A 237 -24.59 -20.82 13.26
C PRO A 237 -23.59 -20.38 12.20
N LEU A 238 -22.32 -20.76 12.43
CA LEU A 238 -21.22 -20.34 11.58
C LEU A 238 -20.52 -21.54 10.96
N ALA A 239 -19.87 -21.30 9.83
CA ALA A 239 -19.10 -22.32 9.09
C ALA A 239 -17.74 -21.75 8.74
N PRO A 240 -16.87 -21.56 9.73
CA PRO A 240 -15.60 -20.87 9.48
C PRO A 240 -14.65 -21.66 8.61
N THR A 241 -13.84 -20.93 7.83
CA THR A 241 -12.74 -21.50 7.07
C THR A 241 -11.52 -20.60 7.22
N VAL A 242 -10.35 -21.19 7.07
CA VAL A 242 -9.09 -20.47 7.22
C VAL A 242 -8.65 -19.91 5.87
N GLY A 243 -7.99 -18.76 5.90
CA GLY A 243 -7.39 -18.19 4.73
C GLY A 243 -5.97 -17.71 4.99
N LEU A 244 -5.05 -18.07 4.09
CA LEU A 244 -3.68 -17.60 4.14
C LEU A 244 -3.44 -16.63 2.99
N ILE A 245 -2.79 -15.51 3.27
CA ILE A 245 -2.41 -14.55 2.25
C ILE A 245 -0.92 -14.27 2.35
N ALA A 246 -0.24 -14.26 1.20
CA ALA A 246 1.16 -13.90 1.13
C ALA A 246 1.30 -12.52 0.49
N TYR A 247 2.26 -11.74 1.00
CA TYR A 247 2.50 -10.38 0.54
C TYR A 247 3.96 -10.28 0.12
N THR A 248 4.20 -9.87 -1.11
CA THR A 248 5.58 -9.75 -1.57
C THR A 248 6.21 -8.46 -1.07
N ALA A 249 7.54 -8.43 -1.11
CA ALA A 249 8.24 -7.17 -1.03
C ALA A 249 7.83 -6.30 -2.22
N PRO A 250 8.10 -4.99 -2.17
CA PRO A 250 7.77 -4.14 -3.32
C PRO A 250 8.39 -4.70 -4.60
N ALA A 251 7.58 -4.85 -5.63
CA ALA A 251 7.95 -5.51 -6.87
C ALA A 251 8.11 -4.49 -7.98
N GLY A 252 9.18 -4.62 -8.76
CA GLY A 252 9.42 -3.73 -9.88
C GLY A 252 8.65 -4.14 -11.12
N ILE A 253 7.31 -4.12 -11.02
CA ILE A 253 6.43 -4.43 -12.14
C ILE A 253 5.39 -3.31 -12.25
N GLY A 254 4.79 -3.22 -13.43
CA GLY A 254 3.86 -2.15 -13.71
C GLY A 254 2.40 -2.42 -13.39
N LEU A 255 2.07 -3.64 -12.95
CA LEU A 255 0.69 -4.10 -12.77
C LEU A 255 -0.18 -3.05 -12.11
N ARG A 256 -1.27 -2.68 -12.78
CA ARG A 256 -2.28 -1.78 -12.22
C ARG A 256 -3.48 -2.52 -11.67
N ARG A 257 -3.97 -3.53 -12.38
CA ARG A 257 -5.24 -4.17 -12.08
C ARG A 257 -5.08 -5.38 -11.17
N ALA A 258 -6.17 -5.72 -10.49
CA ALA A 258 -6.25 -7.00 -9.80
C ALA A 258 -6.46 -8.12 -10.81
N LEU A 259 -5.81 -9.26 -10.58
CA LEU A 259 -5.88 -10.41 -11.47
C LEU A 259 -6.45 -11.59 -10.71
N ARG A 260 -7.46 -12.24 -11.28
CA ARG A 260 -8.07 -13.44 -10.71
C ARG A 260 -8.05 -14.51 -11.79
N THR A 261 -6.97 -15.26 -11.86
CA THR A 261 -6.75 -16.29 -12.86
C THR A 261 -7.12 -17.65 -12.29
N PRO A 262 -7.20 -18.70 -13.11
CA PRO A 262 -7.47 -20.03 -12.57
C PRO A 262 -6.40 -20.51 -11.60
N LEU A 263 -5.21 -19.91 -11.63
CA LEU A 263 -4.08 -20.36 -10.84
C LEU A 263 -3.90 -19.57 -9.55
N VAL A 264 -4.14 -18.26 -9.55
CA VAL A 264 -3.86 -17.44 -8.38
C VAL A 264 -4.70 -16.18 -8.44
N ASN A 265 -5.06 -15.66 -7.27
CA ASN A 265 -5.66 -14.34 -7.14
C ASN A 265 -4.58 -13.40 -6.62
N ARG A 267 -3.05 -9.04 -6.58
CA ARG A 267 -3.35 -7.65 -6.82
C ARG A 267 -2.29 -6.78 -6.17
N PRO A 268 -2.09 -5.56 -6.67
CA PRO A 268 -1.24 -4.60 -5.96
C PRO A 268 -1.80 -4.35 -4.57
N ASP A 269 -0.89 -4.11 -3.61
CA ASP A 269 -1.31 -3.80 -2.25
C ASP A 269 -0.54 -2.63 -1.66
N GLY A 270 0.14 -1.84 -2.48
CA GLY A 270 0.77 -0.63 -2.00
C GLY A 270 2.27 -0.57 -2.24
N ALA A 271 2.72 0.48 -2.94
CA ALA A 271 4.14 0.74 -3.19
C ALA A 271 4.82 -0.36 -4.00
N GLY A 272 4.04 -1.16 -4.73
CA GLY A 272 4.59 -2.26 -5.49
C GLY A 272 4.43 -3.62 -4.86
N ARG A 273 4.01 -3.69 -3.59
CA ARG A 273 3.74 -4.97 -2.97
C ARG A 273 2.61 -5.68 -3.70
N LEU A 274 2.63 -7.00 -3.68
CA LEU A 274 1.57 -7.81 -4.24
C LEU A 274 0.96 -8.70 -3.17
N LEU A 275 -0.37 -8.78 -3.18
CA LEU A 275 -1.14 -9.67 -2.34
C LEU A 275 -1.48 -10.91 -3.16
N LEU A 276 -1.26 -12.10 -2.59
CA LEU A 276 -1.47 -13.37 -3.28
C LEU A 276 -2.29 -14.31 -2.41
N ARG A 277 -3.26 -14.99 -3.02
CA ARG A 277 -4.06 -15.98 -2.30
C ARG A 277 -4.72 -16.95 -3.27
N SER A 278 -5.20 -18.08 -2.73
CA SER A 278 -5.81 -19.13 -3.54
C SER A 278 -6.75 -19.96 -2.67
N ASN A 279 -7.97 -20.18 -3.14
CA ASN A 279 -8.89 -21.08 -2.44
C ASN A 279 -8.31 -22.49 -2.34
N GLU A 280 -7.75 -22.98 -3.45
CA GLU A 280 -7.18 -24.33 -3.48
C GLU A 280 -6.12 -24.50 -2.41
N LEU A 281 -5.22 -23.53 -2.28
CA LEU A 281 -4.14 -23.64 -1.32
C LEU A 281 -4.64 -23.47 0.12
N ASP A 282 -5.70 -22.69 0.32
CA ASP A 282 -6.30 -22.56 1.64
C ASP A 282 -6.68 -23.91 2.22
N GLN A 283 -7.08 -24.85 1.37
CA GLN A 283 -7.51 -26.17 1.83
C GLN A 283 -6.37 -26.94 2.50
N LEU A 284 -5.13 -26.59 2.20
CA LEU A 284 -3.97 -27.25 2.79
C LEU A 284 -3.47 -26.55 4.06
N VAL A 285 -4.07 -25.42 4.43
CA VAL A 285 -3.63 -24.64 5.58
C VAL A 285 -4.42 -25.09 6.81
N GLY A 286 -3.71 -25.29 7.92
CA GLY A 286 -4.38 -25.58 9.17
C GLY A 286 -4.85 -24.32 9.87
N ASN A 287 -5.89 -24.47 10.70
CA ASN A 287 -6.48 -23.32 11.37
C ASN A 287 -5.49 -22.60 12.28
N HIS A 288 -4.51 -23.34 12.81
CA HIS A 288 -3.55 -22.77 13.75
C HIS A 288 -2.12 -22.80 13.22
N ASP A 289 -1.96 -22.83 11.89
CA ASP A 289 -0.63 -22.76 11.30
C ASP A 289 0.04 -21.44 11.67
N ALA A 290 1.34 -21.50 11.93
CA ALA A 290 2.10 -20.28 12.10
C ALA A 290 2.29 -19.61 10.74
N PRO A 291 2.12 -18.29 10.65
CA PRO A 291 2.26 -17.58 9.36
C PRO A 291 3.72 -17.36 8.98
N ALA A 292 4.46 -18.45 8.87
CA ALA A 292 5.87 -18.36 8.52
C ALA A 292 6.06 -17.86 7.09
N LEU A 293 7.12 -17.09 6.88
CA LEU A 293 7.40 -16.57 5.55
C LEU A 293 7.76 -17.67 4.56
N ASP A 294 8.17 -18.84 5.04
CA ASP A 294 8.43 -20.00 4.19
C ASP A 294 7.35 -21.07 4.35
N HIS A 295 6.15 -20.69 4.78
CA HIS A 295 5.03 -21.62 4.83
C HIS A 295 4.88 -22.27 3.45
N PRO A 296 4.67 -23.59 3.39
CA PRO A 296 4.64 -24.26 2.08
C PRO A 296 3.63 -23.68 1.11
N GLN A 297 2.48 -23.21 1.60
CA GLN A 297 1.49 -22.62 0.71
C GLN A 297 1.85 -21.20 0.32
N ALA A 298 2.57 -20.47 1.18
CA ALA A 298 3.06 -19.15 0.79
C ALA A 298 4.10 -19.25 -0.32
N LEU A 299 5.02 -20.21 -0.20
CA LEU A 299 6.00 -20.43 -1.25
C LEU A 299 5.34 -20.79 -2.58
N GLU A 300 4.29 -21.62 -2.52
CA GLU A 300 3.59 -22.00 -3.75
C GLU A 300 2.82 -20.82 -4.34
N LEU A 301 2.27 -19.96 -3.48
CA LEU A 301 1.63 -18.74 -3.97
C LEU A 301 2.61 -17.89 -4.75
N LEU A 302 3.84 -17.72 -4.23
CA LEU A 302 4.84 -16.94 -4.93
C LEU A 302 5.20 -17.58 -6.26
N ARG A 303 5.35 -18.91 -6.29
CA ARG A 303 5.65 -19.60 -7.54
C ARG A 303 4.55 -19.36 -8.57
N ARG A 304 3.29 -19.46 -8.16
CA ARG A 304 2.18 -19.23 -9.08
C ARG A 304 2.17 -17.78 -9.57
N ALA A 305 2.50 -16.83 -8.68
CA ALA A 305 2.53 -15.43 -9.09
C ALA A 305 3.61 -15.17 -10.12
N GLU A 306 4.79 -15.77 -9.95
CA GLU A 306 5.87 -15.58 -10.92
C GLU A 306 5.55 -16.27 -12.25
N ALA A 307 4.84 -17.41 -12.21
CA ALA A 307 4.40 -18.04 -13.45
C ALA A 307 3.41 -17.15 -14.19
N THR A 308 2.64 -16.35 -13.46
CA THR A 308 1.66 -15.45 -14.06
C THR A 308 2.33 -14.17 -14.56
N VAL A 309 3.22 -13.60 -13.76
CA VAL A 309 3.97 -12.40 -14.14
C VAL A 309 5.46 -12.70 -13.99
N PRO A 310 6.13 -13.18 -15.03
CA PRO A 310 7.55 -13.53 -14.91
C PRO A 310 8.44 -12.38 -14.48
N ALA A 311 8.03 -11.13 -14.70
CA ALA A 311 8.82 -9.97 -14.28
C ALA A 311 8.96 -9.89 -12.77
N LEU A 312 8.30 -10.80 -12.05
CA LEU A 312 8.41 -10.90 -10.61
C LEU A 312 9.67 -11.64 -10.16
N ALA A 313 10.55 -12.00 -11.09
CA ALA A 313 11.75 -12.75 -10.75
C ALA A 313 12.52 -12.07 -9.62
N SER A 314 12.92 -12.88 -8.63
CA SER A 314 13.73 -12.48 -7.48
C SER A 314 12.99 -11.64 -6.45
N VAL A 315 11.71 -11.35 -6.64
CA VAL A 315 10.91 -10.74 -5.59
C VAL A 315 10.51 -11.83 -4.61
N GLY A 316 10.78 -11.59 -3.32
CA GLY A 316 10.48 -12.56 -2.29
C GLY A 316 9.21 -12.23 -1.52
N ILE A 317 8.86 -13.15 -0.63
CA ILE A 317 7.75 -12.94 0.30
C ILE A 317 8.25 -12.09 1.46
N GLU A 318 7.53 -11.01 1.77
CA GLU A 318 7.86 -10.17 2.91
C GLU A 318 6.94 -10.38 4.10
N ALA A 319 5.70 -10.80 3.89
CA ALA A 319 4.76 -10.99 4.97
C ALA A 319 3.80 -12.11 4.62
N VAL A 320 3.33 -12.82 5.65
CA VAL A 320 2.29 -13.83 5.53
C VAL A 320 1.30 -13.61 6.66
N ARG A 321 0.01 -13.60 6.32
CA ARG A 321 -1.05 -13.43 7.31
C ARG A 321 -2.07 -14.55 7.16
N ILE A 322 -2.65 -14.94 8.29
CA ILE A 322 -3.64 -16.01 8.35
C ILE A 322 -4.81 -15.54 9.21
N ALA A 323 -6.03 -15.83 8.75
CA ALA A 323 -7.22 -15.43 9.50
C ALA A 323 -8.35 -16.39 9.20
N ILE A 324 -9.43 -16.27 9.97
CA ILE A 324 -10.62 -17.11 9.85
C ILE A 324 -11.76 -16.25 9.31
N ARG A 325 -12.47 -16.78 8.30
CA ARG A 325 -13.60 -16.07 7.71
C ARG A 325 -14.83 -16.20 8.60
N PRO A 326 -15.48 -15.09 8.96
CA PRO A 326 -16.87 -15.19 9.47
C PRO A 326 -17.78 -15.57 8.32
N ILE A 327 -18.50 -16.69 8.47
CA ILE A 327 -19.42 -17.17 7.43
C ILE A 327 -20.63 -17.79 8.11
N PRO A 328 -21.81 -17.19 8.00
CA PRO A 328 -23.02 -17.87 8.49
C PRO A 328 -23.25 -19.18 7.74
N GLN A 329 -23.98 -20.08 8.40
CA GLN A 329 -24.05 -21.48 7.98
C GLN A 329 -24.56 -21.64 6.55
N ASP A 330 -25.49 -20.79 6.12
CA ASP A 330 -26.09 -20.92 4.80
C ASP A 330 -25.41 -20.05 3.74
N SER A 331 -24.27 -19.45 4.07
CA SER A 331 -23.41 -18.65 3.19
C SER A 331 -23.74 -17.16 3.16
N TYR A 332 -24.93 -16.78 3.63
CA TYR A 332 -25.45 -15.43 3.44
C TYR A 332 -25.42 -14.63 4.73
N SER A 333 -25.54 -13.31 4.58
CA SER A 333 -25.38 -12.38 5.68
C SER A 333 -26.41 -12.64 6.77
N ALA A 334 -26.03 -12.35 8.02
CA ALA A 334 -26.93 -12.37 9.16
C ALA A 334 -26.78 -11.05 9.88
N VAL A 335 -27.69 -10.12 9.64
CA VAL A 335 -27.60 -8.75 10.15
C VAL A 335 -28.99 -8.37 10.70
N GLY A 336 -29.07 -8.17 12.01
CA GLY A 336 -30.31 -7.78 12.63
C GLY A 336 -30.42 -8.29 14.06
N PRO A 337 -31.63 -8.24 14.61
CA PRO A 337 -31.84 -8.75 15.97
C PRO A 337 -31.94 -10.27 15.97
N VAL A 338 -31.98 -10.83 17.17
CA VAL A 338 -32.16 -12.26 17.38
C VAL A 338 -33.43 -12.45 18.20
N PRO A 339 -33.99 -13.66 18.23
CA PRO A 339 -35.26 -13.86 18.95
C PRO A 339 -35.13 -13.60 20.44
N ASN A 340 -36.09 -12.85 20.98
CA ASN A 340 -36.31 -12.74 22.42
C ASN A 340 -35.13 -12.14 23.17
N LEU A 341 -34.53 -11.11 22.59
CA LEU A 341 -33.49 -10.33 23.28
C LEU A 341 -33.58 -8.90 22.76
N GLY A 342 -34.19 -8.03 23.56
CA GLY A 342 -34.30 -6.65 23.17
C GLY A 342 -32.98 -5.90 23.26
N ASN A 343 -32.89 -4.83 22.48
CA ASN A 343 -31.76 -3.89 22.50
C ASN A 343 -30.45 -4.51 22.04
N TYR A 344 -30.50 -5.61 21.29
CA TYR A 344 -29.31 -6.30 20.81
C TYR A 344 -29.43 -6.53 19.31
N TRP A 345 -28.32 -6.34 18.61
CA TRP A 345 -28.22 -6.61 17.20
C TRP A 345 -26.90 -7.34 16.94
N VAL A 346 -26.88 -8.17 15.91
CA VAL A 346 -25.67 -8.88 15.50
C VAL A 346 -25.46 -8.64 14.01
N ALA A 347 -24.19 -8.55 13.62
CA ALA A 347 -23.79 -8.46 12.21
C ALA A 347 -22.64 -9.43 12.00
N VAL A 348 -22.91 -10.49 11.24
CA VAL A 348 -21.87 -11.46 10.89
C VAL A 348 -22.14 -11.92 9.46
N THR A 349 -21.10 -11.88 8.63
CA THR A 349 -21.30 -12.11 7.21
C THR A 349 -19.97 -12.37 6.54
N HIS A 350 -20.00 -13.15 5.46
CA HIS A 350 -18.92 -13.14 4.49
C HIS A 350 -19.09 -11.92 3.58
N SER A 351 -18.09 -11.66 2.74
CA SER A 351 -18.06 -10.44 1.94
C SER A 351 -18.22 -9.21 2.84
N GLY A 352 -17.63 -9.27 4.04
CA GLY A 352 -17.85 -8.20 5.00
C GLY A 352 -17.21 -6.89 4.59
N VAL A 353 -16.14 -6.94 3.79
CA VAL A 353 -15.56 -5.71 3.27
C VAL A 353 -16.55 -5.03 2.33
N THR A 354 -17.07 -5.76 1.35
CA THR A 354 -18.06 -5.21 0.43
C THR A 354 -19.23 -4.60 1.17
N LEU A 355 -19.70 -5.27 2.22
CA LEU A 355 -20.95 -4.92 2.88
C LEU A 355 -20.79 -3.97 4.06
N GLY A 356 -19.56 -3.67 4.47
CA GLY A 356 -19.34 -3.00 5.75
C GLY A 356 -20.03 -1.65 5.85
N ALA A 357 -19.80 -0.78 4.86
CA ALA A 357 -20.37 0.56 4.92
C ALA A 357 -21.90 0.52 4.92
N PHE A 358 -22.48 -0.33 4.07
CA PHE A 358 -23.94 -0.42 4.03
C PHE A 358 -24.49 -0.96 5.35
N ILE A 359 -23.85 -1.98 5.92
CA ILE A 359 -24.29 -2.50 7.21
C ILE A 359 -24.25 -1.40 8.27
N GLY A 360 -23.25 -0.52 8.20
CA GLY A 360 -23.18 0.58 9.15
C GLY A 360 -24.38 1.48 9.10
N GLU A 361 -24.77 1.93 7.89
CA GLU A 361 -25.94 2.80 7.78
C GLU A 361 -27.23 2.03 8.04
N ALA A 362 -27.30 0.76 7.67
CA ALA A 362 -28.51 -0.02 7.86
C ALA A 362 -28.79 -0.24 9.34
N LEU A 363 -27.78 -0.65 10.10
CA LEU A 363 -27.99 -0.88 11.53
C LEU A 363 -28.14 0.42 12.30
N ALA A 364 -27.49 1.50 11.86
CA ALA A 364 -27.74 2.79 12.48
C ALA A 364 -29.19 3.20 12.34
N ASP A 365 -29.79 2.96 11.17
CA ASP A 365 -31.21 3.27 10.97
C ASP A 365 -32.09 2.43 11.89
N GLU A 366 -31.75 1.15 12.07
CA GLU A 366 -32.53 0.29 12.93
C GLU A 366 -32.42 0.72 14.39
N VAL A 367 -31.21 0.98 14.86
CA VAL A 367 -31.00 1.31 16.26
C VAL A 367 -31.58 2.68 16.59
N LEU A 368 -31.35 3.67 15.73
CA LEU A 368 -31.76 5.03 16.04
C LEU A 368 -33.22 5.28 15.70
N ASN A 369 -33.73 4.68 14.63
CA ASN A 369 -35.07 5.00 14.14
C ASN A 369 -36.00 3.80 14.05
N GLY A 370 -35.57 2.62 14.48
CA GLY A 370 -36.42 1.44 14.38
C GLY A 370 -36.83 1.10 12.97
N ARG A 371 -35.93 1.31 12.00
CA ARG A 371 -36.26 1.19 10.58
C ARG A 371 -35.32 0.21 9.90
N PRO A 372 -35.68 -1.06 9.83
CA PRO A 372 -34.85 -2.03 9.10
C PRO A 372 -34.86 -1.73 7.60
N ARG A 373 -33.69 -1.88 6.98
CA ARG A 373 -33.59 -1.63 5.55
C ARG A 373 -34.16 -2.82 4.77
N PRO A 374 -34.94 -2.57 3.73
CA PRO A 374 -35.55 -3.68 2.98
C PRO A 374 -34.54 -4.60 2.32
N GLU A 375 -33.34 -4.10 2.00
CA GLU A 375 -32.32 -4.94 1.39
C GLU A 375 -31.94 -6.12 2.28
N LEU A 376 -32.16 -6.02 3.59
CA LEU A 376 -31.79 -7.07 4.52
C LEU A 376 -32.91 -8.08 4.79
N ASP A 377 -34.03 -7.98 4.06
CA ASP A 377 -35.19 -8.81 4.37
C ASP A 377 -34.84 -10.29 4.38
N ASP A 378 -34.06 -10.75 3.41
CA ASP A 378 -33.68 -12.15 3.30
C ASP A 378 -32.48 -12.52 4.17
N PHE A 379 -31.94 -11.58 4.94
CA PHE A 379 -30.64 -11.76 5.58
C PHE A 379 -30.69 -11.46 7.07
N ARG A 380 -31.82 -11.74 7.69
CA ARG A 380 -31.99 -11.51 9.12
C ARG A 380 -31.61 -12.76 9.91
N PRO A 381 -31.03 -12.60 11.10
CA PRO A 381 -30.67 -13.77 11.91
C PRO A 381 -31.84 -14.67 12.26
N ALA A 382 -33.07 -14.14 12.27
CA ALA A 382 -34.24 -14.91 12.65
C ALA A 382 -34.46 -16.15 11.78
N ARG A 383 -33.92 -16.15 10.55
CA ARG A 383 -34.14 -17.30 9.67
C ARG A 383 -33.49 -18.57 10.20
N PHE A 384 -32.55 -18.47 11.12
CA PHE A 384 -31.87 -19.62 11.68
C PHE A 384 -32.59 -20.21 12.89
N PHE A 385 -33.66 -19.58 13.34
CA PHE A 385 -34.35 -19.98 14.57
C PHE A 385 -35.76 -20.45 14.24
N GLU A 386 -36.49 -20.84 15.29
CA GLU A 386 -37.85 -21.33 15.10
C GLU A 386 -38.73 -20.23 14.49
N GLN A 387 -39.53 -20.60 13.50
CA GLN A 387 -40.42 -19.65 12.86
C GLN A 387 -41.80 -19.59 13.50
N GLU A 388 -42.18 -20.61 14.27
CA GLU A 388 -43.45 -20.65 14.95
C GLU A 388 -43.23 -20.78 16.45
N PRO A 389 -44.16 -20.29 17.27
CA PRO A 389 -44.02 -20.44 18.72
C PRO A 389 -43.89 -21.91 19.11
N ALA A 390 -42.92 -22.18 19.99
CA ALA A 390 -42.64 -23.54 20.43
C ALA A 390 -43.81 -24.13 21.20
N ASP B 13 21.07 3.80 -35.42
CA ASP B 13 20.48 4.09 -34.12
C ASP B 13 21.50 3.89 -33.00
N LEU B 14 21.51 4.82 -32.05
CA LEU B 14 22.47 4.78 -30.96
C LEU B 14 22.14 3.64 -30.00
N LYS B 15 23.16 2.86 -29.66
CA LYS B 15 23.03 1.76 -28.70
C LYS B 15 23.52 2.26 -27.34
N ALA B 16 22.65 2.24 -26.34
CA ALA B 16 23.00 2.67 -25.00
C ALA B 16 22.74 1.56 -24.00
N ILE B 17 23.69 1.35 -23.10
CA ILE B 17 23.53 0.43 -21.98
C ILE B 17 23.40 1.24 -20.71
N VAL B 18 22.34 0.97 -19.95
CA VAL B 18 22.13 1.54 -18.63
C VAL B 18 22.34 0.42 -17.62
N VAL B 19 23.25 0.63 -16.69
CA VAL B 19 23.54 -0.35 -15.65
C VAL B 19 22.82 0.07 -14.38
N GLY B 20 21.92 -0.79 -13.89
CA GLY B 20 21.15 -0.47 -12.69
C GLY B 20 19.75 -0.02 -13.02
N ALA B 21 18.75 -0.68 -12.43
CA ALA B 21 17.35 -0.43 -12.72
C ALA B 21 16.61 0.12 -11.50
N GLY B 22 17.23 1.06 -10.78
CA GLY B 22 16.57 1.78 -9.71
C GLY B 22 15.81 2.97 -10.24
N VAL B 23 15.48 3.89 -9.33
CA VAL B 23 14.72 5.08 -9.72
C VAL B 23 15.49 5.93 -10.73
N ILE B 24 16.83 5.90 -10.68
CA ILE B 24 17.62 6.69 -11.62
C ILE B 24 17.77 5.95 -12.95
N GLY B 25 18.25 4.71 -12.91
CA GLY B 25 18.48 3.98 -14.13
C GLY B 25 17.23 3.77 -14.96
N SER B 26 16.11 3.47 -14.28
CA SER B 26 14.86 3.29 -15.02
C SER B 26 14.44 4.58 -15.72
N SER B 27 14.70 5.73 -15.10
CA SER B 27 14.37 7.01 -15.73
C SER B 27 15.27 7.28 -16.93
N VAL B 28 16.58 7.03 -16.78
CA VAL B 28 17.51 7.24 -17.89
C VAL B 28 17.16 6.32 -19.05
N ALA B 29 16.94 5.04 -18.76
CA ALA B 29 16.60 4.07 -19.81
C ALA B 29 15.28 4.42 -20.49
N TYR B 30 14.29 4.87 -19.71
CA TYR B 30 13.00 5.22 -20.28
C TYR B 30 13.12 6.39 -21.25
N ARG B 31 13.80 7.46 -20.82
CA ARG B 31 13.92 8.64 -21.68
C ARG B 31 14.81 8.38 -22.88
N LEU B 32 15.86 7.56 -22.71
CA LEU B 32 16.70 7.21 -23.85
C LEU B 32 15.91 6.40 -24.89
N ALA B 33 15.16 5.41 -24.44
CA ALA B 33 14.36 4.62 -25.36
C ALA B 33 13.27 5.46 -26.03
N GLN B 34 12.62 6.32 -25.24
CA GLN B 34 11.65 7.25 -25.80
C GLN B 34 12.29 8.14 -26.87
N GLY B 35 13.55 8.53 -26.66
CA GLY B 35 14.28 9.37 -27.57
C GLY B 35 14.85 8.69 -28.80
N GLY B 36 14.65 7.38 -28.93
CA GLY B 36 15.04 6.67 -30.14
C GLY B 36 16.26 5.77 -30.02
N ALA B 37 16.92 5.73 -28.87
CA ALA B 37 18.05 4.85 -28.70
C ALA B 37 17.60 3.42 -28.51
N GLN B 38 18.45 2.47 -28.92
CA GLN B 38 18.25 1.06 -28.60
C GLN B 38 18.90 0.82 -27.24
N VAL B 39 18.07 0.63 -26.22
CA VAL B 39 18.53 0.63 -24.83
C VAL B 39 18.54 -0.79 -24.30
N THR B 40 19.65 -1.16 -23.66
CA THR B 40 19.75 -2.39 -22.88
C THR B 40 19.94 -2.01 -21.43
N LEU B 41 19.00 -2.43 -20.58
CA LEU B 41 19.04 -2.16 -19.15
C LEU B 41 19.54 -3.42 -18.44
N VAL B 42 20.67 -3.31 -17.76
CA VAL B 42 21.32 -4.44 -17.11
C VAL B 42 21.18 -4.29 -15.60
N GLU B 43 20.57 -5.29 -14.96
CA GLU B 43 20.26 -5.24 -13.53
C GLU B 43 20.66 -6.56 -12.89
N ALA B 44 21.51 -6.50 -11.87
CA ALA B 44 22.07 -7.71 -11.27
C ALA B 44 21.09 -8.41 -10.35
N ASP B 45 20.15 -7.68 -9.77
CA ASP B 45 19.23 -8.25 -8.78
C ASP B 45 17.82 -8.24 -9.35
N ARG B 46 17.14 -7.12 -9.23
CA ARG B 46 15.79 -6.97 -9.77
C ARG B 46 15.48 -5.49 -9.94
N VAL B 47 14.56 -5.20 -10.86
CA VAL B 47 14.14 -3.82 -11.08
C VAL B 47 13.63 -3.23 -9.78
N GLY B 48 14.20 -2.09 -9.39
CA GLY B 48 13.77 -1.40 -8.18
C GLY B 48 14.13 -2.06 -6.87
N GLY B 49 15.01 -3.05 -6.88
CA GLY B 49 15.29 -3.81 -5.68
C GLY B 49 16.40 -3.29 -4.79
N GLY B 50 17.03 -2.17 -5.14
CA GLY B 50 18.15 -1.66 -4.38
C GLY B 50 17.76 -0.63 -3.33
N THR B 51 18.55 0.43 -3.20
CA THR B 51 18.23 1.48 -2.24
C THR B 51 16.88 2.13 -2.54
N SER B 52 16.45 2.09 -3.81
CA SER B 52 15.14 2.63 -4.17
C SER B 52 14.00 1.95 -3.43
N CYS B 53 14.21 0.69 -3.02
CA CYS B 53 13.25 -0.08 -2.24
C CYS B 53 13.25 0.28 -0.76
N VAL B 54 14.24 1.05 -0.30
CA VAL B 54 14.39 1.38 1.11
C VAL B 54 14.54 2.90 1.23
N SER B 55 13.45 3.63 1.01
CA SER B 55 13.53 5.07 0.91
C SER B 55 12.27 5.71 1.47
N TYR B 56 12.45 6.80 2.23
CA TYR B 56 11.31 7.63 2.60
C TYR B 56 10.72 8.30 1.36
N ALA B 57 11.56 8.63 0.38
CA ALA B 57 11.11 9.00 -0.97
C ALA B 57 10.27 10.27 -1.01
N TRP B 58 10.51 11.19 -0.09
CA TRP B 58 9.87 12.50 -0.14
C TRP B 58 10.41 13.26 -1.36
N VAL B 59 9.52 13.58 -2.31
CA VAL B 59 9.90 14.35 -3.49
C VAL B 59 9.87 15.82 -3.08
N ASN B 60 11.05 16.42 -2.87
CA ASN B 60 11.09 17.70 -2.19
C ASN B 60 12.30 18.51 -2.63
N ALA B 61 12.22 19.82 -2.39
CA ALA B 61 13.30 20.76 -2.59
C ALA B 61 13.50 21.61 -1.34
N CYS B 62 13.31 21.01 -0.16
CA CYS B 62 13.37 21.75 1.08
C CYS B 62 14.27 21.13 2.14
N GLU B 63 14.88 19.98 1.88
CA GLU B 63 15.73 19.32 2.85
C GLU B 63 17.17 19.78 2.69
N LYS B 64 17.81 20.08 3.82
CA LYS B 64 19.22 20.48 3.86
C LYS B 64 19.51 21.61 2.86
N LEU B 65 18.83 22.73 3.07
CA LEU B 65 18.95 23.86 2.16
C LEU B 65 20.38 24.36 2.12
N THR B 66 20.87 24.64 0.90
CA THR B 66 22.18 25.24 0.73
C THR B 66 22.07 26.48 -0.15
N SER B 67 22.27 26.31 -1.45
CA SER B 67 22.23 27.40 -2.40
C SER B 67 20.93 27.39 -3.19
N HIS B 68 20.66 28.53 -3.85
CA HIS B 68 19.52 28.60 -4.75
C HIS B 68 19.69 27.67 -5.94
N SER B 69 20.94 27.44 -6.36
CA SER B 69 21.20 26.53 -7.48
C SER B 69 20.79 25.10 -7.13
N TYR B 70 21.11 24.66 -5.91
CA TYR B 70 20.71 23.33 -5.49
C TYR B 70 19.20 23.21 -5.37
N TYR B 71 18.54 24.28 -4.89
CA TYR B 71 17.08 24.28 -4.81
C TYR B 71 16.47 24.13 -6.20
N LYS B 72 16.99 24.87 -7.18
CA LYS B 72 16.43 24.84 -8.53
C LYS B 72 16.55 23.46 -9.14
N LEU B 73 17.62 22.73 -8.84
CA LEU B 73 17.78 21.37 -9.36
C LEU B 73 16.76 20.43 -8.72
N ASN B 74 16.66 20.47 -7.39
CA ASN B 74 15.70 19.61 -6.71
C ASN B 74 14.26 19.96 -7.10
N TYR B 75 13.99 21.26 -7.28
CA TYR B 75 12.64 21.66 -7.70
C TYR B 75 12.31 21.17 -9.10
N ALA B 76 13.30 21.20 -10.00
CA ALA B 76 13.08 20.65 -11.33
C ALA B 76 12.84 19.14 -11.26
N GLY B 77 13.50 18.46 -10.33
CA GLY B 77 13.21 17.04 -10.13
C GLY B 77 11.79 16.83 -9.65
N ARG B 78 11.34 17.63 -8.70
CA ARG B 78 9.97 17.52 -8.19
C ARG B 78 8.96 17.74 -9.32
N GLN B 79 9.17 18.78 -10.13
CA GLN B 79 8.23 19.06 -11.20
C GLN B 79 8.23 17.96 -12.25
N ALA B 80 9.40 17.36 -12.52
CA ALA B 80 9.47 16.29 -13.50
C ALA B 80 8.66 15.07 -13.06
N HIS B 81 8.55 14.84 -11.76
CA HIS B 81 7.77 13.70 -11.29
C HIS B 81 6.27 13.90 -11.49
N GLU B 82 5.81 15.14 -11.42
CA GLU B 82 4.40 15.41 -11.74
C GLU B 82 4.14 15.28 -13.22
N ALA B 83 5.05 15.80 -14.05
CA ALA B 83 4.82 15.82 -15.49
C ALA B 83 4.81 14.42 -16.09
N ILE B 84 5.65 13.52 -15.57
CA ILE B 84 5.75 12.18 -16.15
C ILE B 84 4.48 11.35 -15.93
N LEU B 85 3.65 11.71 -14.95
CA LEU B 85 2.44 10.93 -14.68
C LEU B 85 1.51 10.90 -15.88
N ASP B 86 1.49 11.97 -16.69
CA ASP B 86 0.60 12.04 -17.85
C ASP B 86 0.93 11.02 -18.91
N GLU B 87 2.07 10.35 -18.84
CA GLU B 87 2.48 9.37 -19.84
C GLU B 87 2.08 7.95 -19.47
N PHE B 88 1.28 7.76 -18.41
CA PHE B 88 0.97 6.43 -17.91
C PHE B 88 -0.50 6.33 -17.56
N GLU B 89 -1.03 5.12 -17.64
CA GLU B 89 -2.42 4.85 -17.25
C GLU B 89 -2.49 4.62 -15.75
N SER B 90 -3.31 5.42 -15.08
CA SER B 90 -3.60 5.26 -13.65
C SER B 90 -2.37 5.03 -12.77
N PRO B 91 -1.34 5.89 -12.88
CA PRO B 91 -0.14 5.67 -12.08
C PRO B 91 -0.44 5.86 -10.60
N ALA B 92 0.01 4.89 -9.79
CA ALA B 92 -0.34 4.84 -8.38
C ALA B 92 0.88 5.04 -7.47
N TRP B 93 1.92 5.71 -7.96
CA TRP B 93 3.20 5.74 -7.27
C TRP B 93 3.59 7.10 -6.71
N TYR B 94 2.77 8.13 -6.85
CA TYR B 94 3.10 9.47 -6.36
C TYR B 94 1.93 9.95 -5.49
N HIS B 95 2.09 9.85 -4.18
CA HIS B 95 1.05 10.18 -3.23
C HIS B 95 1.34 11.55 -2.63
N ARG B 96 0.39 12.48 -2.76
CA ARG B 96 0.61 13.87 -2.36
C ARG B 96 -0.48 14.38 -1.41
N PRO B 97 -0.59 13.78 -0.21
CA PRO B 97 -1.56 14.29 0.78
C PRO B 97 -1.02 15.43 1.63
N GLY B 98 0.25 15.78 1.49
CA GLY B 98 0.87 16.80 2.31
C GLY B 98 1.90 16.20 3.26
N VAL B 99 2.84 17.05 3.68
CA VAL B 99 3.90 16.68 4.60
C VAL B 99 3.95 17.69 5.74
N LEU B 100 4.09 17.19 6.96
CA LEU B 100 4.23 18.02 8.16
C LEU B 100 5.62 17.80 8.75
N GLN B 101 6.27 18.89 9.15
CA GLN B 101 7.65 18.84 9.59
C GLN B 101 7.85 19.76 10.78
N TRP B 102 8.42 19.25 11.87
CA TRP B 102 8.74 20.07 13.01
C TRP B 102 9.96 19.53 13.74
N GLN B 103 10.65 20.41 14.44
CA GLN B 103 11.84 20.12 15.22
C GLN B 103 11.56 20.39 16.69
N HIS B 104 12.58 20.19 17.52
CA HIS B 104 12.49 20.50 18.94
C HIS B 104 12.27 22.00 19.13
N ASN B 115 19.07 24.88 9.65
CA ASN B 115 19.10 24.99 11.12
C ASN B 115 17.76 25.46 11.67
N ASP B 116 17.59 26.77 11.77
CA ASP B 116 16.37 27.33 12.34
C ASP B 116 15.19 27.09 11.40
N PRO B 117 14.05 26.62 11.91
CA PRO B 117 12.93 26.34 11.01
C PRO B 117 12.32 27.59 10.39
N LEU B 118 12.27 28.69 11.13
CA LEU B 118 11.77 29.94 10.54
C LEU B 118 12.68 30.40 9.41
N ASP B 119 14.00 30.33 9.61
CA ASP B 119 14.94 30.66 8.55
C ASP B 119 14.71 29.79 7.33
N LYS B 120 14.49 28.48 7.54
CA LYS B 120 14.23 27.58 6.42
C LYS B 120 12.90 27.92 5.76
N TYR B 121 11.85 28.15 6.55
CA TYR B 121 10.55 28.50 5.98
C TYR B 121 10.63 29.80 5.18
N ARG B 122 11.30 30.81 5.73
CA ARG B 122 11.43 32.09 5.02
C ARG B 122 12.18 31.90 3.71
N GLN B 123 13.27 31.12 3.73
CA GLN B 123 14.03 30.89 2.50
C GLN B 123 13.19 30.16 1.46
N LEU B 124 12.37 29.19 1.89
CA LEU B 124 11.54 28.45 0.95
C LEU B 124 10.47 29.34 0.34
N VAL B 125 9.84 30.19 1.15
CA VAL B 125 8.84 31.13 0.63
C VAL B 125 9.47 32.07 -0.38
N GLU B 126 10.67 32.57 -0.07
CA GLU B 126 11.36 33.49 -0.98
C GLU B 126 11.69 32.81 -2.31
N TRP B 127 12.00 31.51 -2.28
CA TRP B 127 12.29 30.79 -3.51
C TRP B 127 11.02 30.26 -4.20
N GLY B 128 9.87 30.39 -3.58
CA GLY B 128 8.61 30.04 -4.21
C GLY B 128 8.10 28.64 -3.92
N TYR B 129 8.58 27.99 -2.87
CA TYR B 129 8.13 26.63 -2.58
C TYR B 129 6.80 26.65 -1.83
N PRO B 130 5.88 25.75 -2.15
CA PRO B 130 4.60 25.70 -1.44
C PRO B 130 4.75 25.22 0.00
N ALA B 131 4.92 26.16 0.93
CA ALA B 131 5.10 25.85 2.34
C ALA B 131 4.31 26.84 3.17
N GLU B 132 3.77 26.36 4.30
CA GLU B 132 3.00 27.17 5.22
C GLU B 132 3.51 26.97 6.63
N LEU B 133 3.49 28.04 7.42
CA LEU B 133 3.89 28.00 8.82
C LEU B 133 2.63 27.89 9.67
N ILE B 134 2.52 26.80 10.45
CA ILE B 134 1.37 26.53 11.28
C ILE B 134 1.84 26.14 12.68
N ASP B 135 0.89 25.85 13.57
CA ASP B 135 1.21 25.50 14.95
C ASP B 135 0.50 24.20 15.34
N ALA B 136 0.66 23.81 16.61
CA ALA B 136 0.13 22.54 17.08
C ALA B 136 -1.39 22.51 16.99
N ARG B 137 -2.05 23.65 17.23
CA ARG B 137 -3.50 23.70 17.11
C ARG B 137 -3.94 23.44 15.67
N ASP B 138 -3.18 23.95 14.69
CA ASP B 138 -3.47 23.66 13.30
C ASP B 138 -3.31 22.18 13.00
N VAL B 139 -2.27 21.56 13.55
CA VAL B 139 -2.04 20.14 13.32
C VAL B 139 -3.17 19.31 13.91
N ARG B 140 -3.69 19.72 15.07
CA ARG B 140 -4.82 19.02 15.68
C ARG B 140 -6.01 18.94 14.73
N GLU B 141 -6.21 19.96 13.89
CA GLU B 141 -7.28 19.92 12.91
C GLU B 141 -6.94 19.00 11.74
N LEU B 142 -5.67 19.01 11.30
CA LEU B 142 -5.29 18.24 10.12
C LEU B 142 -5.11 16.76 10.44
N GLU B 143 -4.41 16.47 11.54
CA GLU B 143 -4.12 15.09 11.94
C GLU B 143 -4.36 14.96 13.42
N PRO B 144 -5.63 14.79 13.82
CA PRO B 144 -5.96 14.84 15.26
C PRO B 144 -5.39 13.71 16.09
N GLN B 145 -4.89 12.63 15.48
CA GLN B 145 -4.35 11.54 16.27
C GLN B 145 -2.88 11.72 16.63
N ILE B 146 -2.23 12.77 16.14
CA ILE B 146 -0.89 13.10 16.59
C ILE B 146 -0.95 13.60 18.02
N ASN B 147 -0.06 13.09 18.86
CA ASN B 147 0.03 13.54 20.25
C ASN B 147 0.52 14.98 20.27
N ALA B 148 -0.28 15.88 20.87
CA ALA B 148 0.13 17.27 20.99
C ALA B 148 1.42 17.42 21.78
N ASP B 149 1.66 16.53 22.75
CA ASP B 149 2.91 16.57 23.50
C ASP B 149 4.12 16.37 22.60
N ALA B 150 3.94 15.66 21.49
CA ALA B 150 5.04 15.43 20.55
C ALA B 150 5.45 16.69 19.79
N ILE B 151 4.64 17.75 19.84
CA ILE B 151 4.93 18.99 19.15
C ILE B 151 5.37 20.09 20.10
N GLY B 152 4.66 20.25 21.23
CA GLY B 152 4.94 21.37 22.11
C GLY B 152 4.53 22.67 21.44
N ASN B 153 5.31 23.73 21.68
CA ASN B 153 5.08 25.01 21.04
C ASN B 153 5.95 25.24 19.81
N ALA B 154 6.59 24.19 19.31
CA ALA B 154 7.47 24.33 18.17
C ALA B 154 6.67 24.73 16.93
N PRO B 155 7.25 25.55 16.05
CA PRO B 155 6.59 25.85 14.78
C PRO B 155 6.54 24.60 13.91
N VAL B 156 5.53 24.55 13.05
CA VAL B 156 5.31 23.42 12.16
C VAL B 156 5.27 23.94 10.73
N ILE B 157 6.04 23.32 9.84
CA ILE B 157 5.97 23.63 8.43
C ILE B 157 5.07 22.59 7.77
N HIS B 158 4.06 23.06 7.06
CA HIS B 158 3.15 22.22 6.30
C HIS B 158 3.45 22.42 4.82
N TYR B 159 3.78 21.34 4.13
CA TYR B 159 3.95 21.36 2.69
C TYR B 159 2.70 20.73 2.08
N PRO B 160 1.66 21.54 1.80
CA PRO B 160 0.32 20.96 1.54
C PRO B 160 0.20 20.18 0.25
N GLN B 161 1.06 20.42 -0.74
CA GLN B 161 0.99 19.71 -2.01
C GLN B 161 2.11 18.69 -2.16
N ASP B 162 2.87 18.42 -1.11
CA ASP B 162 4.02 17.55 -1.20
C ASP B 162 3.62 16.10 -0.90
N GLY B 163 4.49 15.20 -1.31
CA GLY B 163 4.27 13.79 -1.01
C GLY B 163 5.48 12.95 -1.34
N TRP B 164 5.25 11.65 -1.44
CA TRP B 164 6.32 10.69 -1.60
C TRP B 164 6.08 9.81 -2.82
N LEU B 165 7.17 9.24 -3.32
CA LEU B 165 7.15 8.30 -4.44
C LEU B 165 7.18 6.88 -3.91
N ASP B 166 6.69 5.96 -4.73
CA ASP B 166 6.93 4.53 -4.56
C ASP B 166 7.99 4.15 -5.59
N PRO B 167 9.28 4.26 -5.27
CA PRO B 167 10.32 4.17 -6.32
C PRO B 167 10.40 2.82 -7.01
N THR B 168 10.09 1.72 -6.30
CA THR B 168 10.13 0.42 -6.94
C THR B 168 9.00 0.24 -7.95
N LEU B 169 7.79 0.70 -7.58
CA LEU B 169 6.67 0.69 -8.51
C LEU B 169 6.92 1.63 -9.69
N TYR B 170 7.49 2.80 -9.41
CA TYR B 170 7.90 3.72 -10.47
C TYR B 170 8.86 3.06 -11.43
N ALA B 171 9.94 2.47 -10.90
CA ALA B 171 10.95 1.84 -11.74
C ALA B 171 10.35 0.71 -12.57
N GLY B 172 9.47 -0.09 -11.97
CA GLY B 172 8.85 -1.17 -12.70
C GLY B 172 7.93 -0.69 -13.80
N SER B 173 7.22 0.42 -13.55
CA SER B 173 6.29 0.94 -14.55
C SER B 173 7.03 1.57 -15.72
N LEU B 174 8.10 2.33 -15.44
CA LEU B 174 8.88 2.92 -16.53
C LEU B 174 9.56 1.84 -17.36
N THR B 175 10.08 0.79 -16.70
CA THR B 175 10.71 -0.29 -17.43
C THR B 175 9.71 -1.02 -18.31
N GLU B 176 8.50 -1.28 -17.78
CA GLU B 176 7.48 -1.93 -18.58
C GLU B 176 7.13 -1.10 -19.81
N ALA B 177 6.95 0.22 -19.62
CA ALA B 177 6.59 1.08 -20.74
C ALA B 177 7.71 1.16 -21.77
N ALA B 178 8.96 1.23 -21.31
CA ALA B 178 10.08 1.29 -22.25
C ALA B 178 10.18 0.03 -23.09
N VAL B 180 7.56 -2.12 -23.81
CA VAL B 180 6.39 -2.27 -24.66
C VAL B 180 6.38 -1.23 -25.78
N ARG B 181 6.69 0.02 -25.44
CA ARG B 181 6.54 1.11 -26.40
C ARG B 181 7.78 1.35 -27.24
N HIS B 182 8.98 1.12 -26.70
CA HIS B 182 10.21 1.55 -27.35
C HIS B 182 11.25 0.45 -27.50
N GLY B 183 10.88 -0.82 -27.28
CA GLY B 183 11.79 -1.92 -27.54
C GLY B 183 12.98 -2.03 -26.61
N LEU B 184 12.90 -1.50 -25.40
CA LEU B 184 13.98 -1.68 -24.44
C LEU B 184 14.14 -3.15 -24.11
N THR B 185 15.39 -3.56 -23.88
CA THR B 185 15.74 -4.90 -23.46
C THR B 185 16.23 -4.88 -22.03
N LEU B 186 15.75 -5.82 -21.22
CA LEU B 186 16.17 -5.97 -19.83
C LEU B 186 17.02 -7.23 -19.71
N VAL B 187 18.22 -7.08 -19.17
CA VAL B 187 19.17 -8.18 -19.00
C VAL B 187 19.39 -8.40 -17.50
N ARG B 188 19.14 -9.62 -17.04
CA ARG B 188 19.47 -10.01 -15.68
C ARG B 188 20.93 -10.45 -15.66
N GLY B 189 21.82 -9.53 -15.28
CA GLY B 189 23.23 -9.82 -15.25
C GLY B 189 23.96 -8.82 -14.38
N LYS B 190 25.17 -9.20 -13.97
CA LYS B 190 25.99 -8.38 -13.11
C LYS B 190 27.19 -7.86 -13.89
N VAL B 191 27.25 -6.54 -14.08
CA VAL B 191 28.39 -5.92 -14.73
C VAL B 191 29.61 -6.03 -13.81
N ALA B 192 30.73 -6.49 -14.38
CA ALA B 192 31.97 -6.62 -13.64
C ALA B 192 33.03 -5.61 -14.07
N GLY B 193 32.87 -4.99 -15.23
CA GLY B 193 33.82 -4.00 -15.70
C GLY B 193 33.35 -3.41 -17.01
N LEU B 194 34.09 -2.42 -17.48
CA LEU B 194 33.81 -1.76 -18.73
C LEU B 194 34.73 -2.29 -19.82
N VAL B 195 34.24 -2.25 -21.06
CA VAL B 195 35.05 -2.56 -22.24
C VAL B 195 35.54 -1.24 -22.80
N VAL B 196 36.87 -1.13 -22.97
CA VAL B 196 37.50 0.11 -23.38
C VAL B 196 38.37 -0.16 -24.60
N GLU B 197 38.23 0.66 -25.63
CA GLU B 197 39.05 0.58 -26.84
C GLU B 197 39.57 1.97 -27.15
N SER B 198 40.88 2.16 -27.00
CA SER B 198 41.55 3.43 -27.28
C SER B 198 40.89 4.59 -26.54
N GLY B 199 40.77 4.45 -25.22
CA GLY B 199 40.27 5.52 -24.37
C GLY B 199 38.78 5.76 -24.45
N ARG B 200 38.02 4.88 -25.10
CA ARG B 200 36.58 5.04 -25.21
C ARG B 200 35.89 3.77 -24.72
N CYS B 201 34.83 3.95 -23.94
CA CYS B 201 34.03 2.82 -23.49
C CYS B 201 33.17 2.32 -24.65
N THR B 202 33.22 1.02 -24.89
CA THR B 202 32.48 0.41 -25.99
C THR B 202 31.50 -0.66 -25.52
N GLY B 203 31.24 -0.74 -24.22
CA GLY B 203 30.29 -1.71 -23.72
C GLY B 203 30.66 -2.11 -22.30
N VAL B 204 30.03 -3.19 -21.85
CA VAL B 204 30.24 -3.71 -20.50
C VAL B 204 30.57 -5.19 -20.58
N ARG B 205 31.28 -5.67 -19.56
CA ARG B 205 31.60 -7.08 -19.39
C ARG B 205 30.88 -7.59 -18.16
N LEU B 206 30.16 -8.70 -18.30
CA LEU B 206 29.44 -9.28 -17.17
C LEU B 206 30.36 -10.25 -16.41
N ASP B 207 29.93 -10.63 -15.22
CA ASP B 207 30.77 -11.49 -14.38
C ASP B 207 30.93 -12.90 -14.93
N ASP B 208 30.27 -13.24 -16.03
CA ASP B 208 30.54 -14.50 -16.73
C ASP B 208 31.52 -14.33 -17.89
N GLY B 209 32.08 -13.13 -18.06
CA GLY B 209 32.96 -12.85 -19.17
C GLY B 209 32.27 -12.45 -20.45
N SER B 210 30.96 -12.58 -20.55
CA SER B 210 30.24 -12.14 -21.73
C SER B 210 30.32 -10.62 -21.84
N VAL B 211 30.10 -10.13 -23.06
CA VAL B 211 30.23 -8.71 -23.37
C VAL B 211 28.96 -8.23 -24.04
N LEU B 212 28.50 -7.04 -23.63
CA LEU B 212 27.43 -6.32 -24.31
C LEU B 212 28.03 -5.04 -24.86
N GLY B 213 28.04 -4.90 -26.18
CA GLY B 213 28.58 -3.71 -26.82
C GLY B 213 27.55 -2.60 -26.95
N ALA B 214 28.03 -1.36 -26.93
CA ALA B 214 27.15 -0.21 -27.06
C ALA B 214 27.98 1.02 -27.42
N ASP B 215 27.26 2.06 -27.84
CA ASP B 215 27.87 3.36 -28.13
C ASP B 215 27.99 4.24 -26.89
N ALA B 216 27.21 3.95 -25.85
CA ALA B 216 27.24 4.74 -24.63
C ALA B 216 26.91 3.82 -23.46
N VAL B 217 27.57 4.05 -22.33
CA VAL B 217 27.30 3.31 -21.10
C VAL B 217 27.03 4.33 -20.00
N ILE B 218 25.90 4.15 -19.31
CA ILE B 218 25.49 5.04 -18.22
C ILE B 218 25.40 4.17 -16.97
N ASN B 219 26.31 4.40 -16.03
CA ASN B 219 26.40 3.61 -14.80
C ASN B 219 25.46 4.22 -13.78
N CYS B 220 24.31 3.57 -13.56
CA CYS B 220 23.34 4.00 -12.56
C CYS B 220 23.17 2.94 -11.48
N SER B 221 24.29 2.47 -10.90
CA SER B 221 24.26 1.41 -9.92
C SER B 221 24.31 1.92 -8.48
N GLY B 222 23.98 3.19 -8.27
CA GLY B 222 23.80 3.70 -6.92
C GLY B 222 25.04 3.54 -6.06
N ARG B 223 24.85 3.01 -4.84
CA ARG B 223 25.95 2.84 -3.91
C ARG B 223 26.97 1.81 -4.39
N TRP B 224 26.63 1.00 -5.39
CA TRP B 224 27.55 0.04 -5.99
C TRP B 224 28.38 0.64 -7.12
N SER B 225 28.35 1.97 -7.28
CA SER B 225 28.87 2.62 -8.49
C SER B 225 30.30 2.20 -8.82
N ASN B 226 31.20 2.27 -7.83
CA ASN B 226 32.60 1.95 -8.09
C ASN B 226 32.82 0.44 -8.19
N GLU B 227 32.09 -0.35 -7.39
CA GLU B 227 32.21 -1.80 -7.47
C GLU B 227 31.79 -2.31 -8.84
N THR B 228 30.85 -1.63 -9.49
CA THR B 228 30.33 -2.08 -10.78
C THR B 228 31.39 -2.08 -11.86
N VAL B 229 32.24 -1.03 -11.88
CA VAL B 229 33.25 -0.91 -12.93
C VAL B 229 34.56 -1.60 -12.59
N GLY B 230 34.77 -1.99 -11.34
CA GLY B 230 35.93 -2.80 -11.00
C GLY B 230 37.23 -2.02 -11.09
N GLU B 231 38.29 -2.70 -11.53
CA GLU B 231 39.65 -2.20 -11.43
C GLU B 231 40.11 -1.43 -12.66
N GLY B 232 39.38 -1.47 -13.77
CA GLY B 232 39.89 -0.87 -15.00
C GLY B 232 39.22 0.41 -15.43
N ALA B 233 38.54 1.10 -14.52
CA ALA B 233 37.71 2.24 -14.88
C ALA B 233 37.81 3.29 -13.79
N PRO B 234 37.43 4.54 -14.09
CA PRO B 234 37.48 5.59 -13.07
C PRO B 234 36.49 5.34 -11.94
N HIS B 235 36.84 5.85 -10.76
CA HIS B 235 36.01 5.81 -9.57
C HIS B 235 35.67 7.23 -9.13
N VAL B 236 34.50 7.39 -8.54
CA VAL B 236 34.07 8.68 -8.01
C VAL B 236 34.19 8.64 -6.48
N PRO B 237 34.26 9.78 -5.80
CA PRO B 237 34.33 9.75 -4.34
C PRO B 237 33.01 9.25 -3.75
N LEU B 238 33.12 8.49 -2.66
CA LEU B 238 31.96 8.01 -1.93
C LEU B 238 32.19 8.17 -0.45
N ALA B 239 31.10 8.28 0.31
CA ALA B 239 31.17 8.35 1.77
C ALA B 239 29.94 7.66 2.33
N PRO B 240 29.92 6.33 2.30
CA PRO B 240 28.66 5.60 2.53
C PRO B 240 28.25 5.57 4.00
N THR B 241 26.93 5.59 4.19
CA THR B 241 26.32 5.39 5.50
C THR B 241 25.13 4.46 5.36
N VAL B 242 24.75 3.84 6.47
CA VAL B 242 23.70 2.83 6.49
C VAL B 242 22.39 3.46 6.95
N GLY B 243 21.29 2.94 6.45
CA GLY B 243 19.97 3.36 6.89
C GLY B 243 19.06 2.17 7.11
N LEU B 244 18.30 2.21 8.20
CA LEU B 244 17.32 1.18 8.52
C LEU B 244 15.93 1.77 8.46
N ILE B 245 14.98 1.03 7.88
CA ILE B 245 13.59 1.42 7.85
C ILE B 245 12.74 0.26 8.35
N ALA B 246 11.79 0.56 9.24
CA ALA B 246 10.85 -0.42 9.74
C ALA B 246 9.48 -0.14 9.14
N TYR B 247 8.72 -1.20 8.87
CA TYR B 247 7.40 -1.10 8.27
C TYR B 247 6.43 -1.85 9.17
N THR B 248 5.37 -1.15 9.59
CA THR B 248 4.39 -1.80 10.44
C THR B 248 3.42 -2.64 9.62
N ALA B 249 2.73 -3.55 10.31
CA ALA B 249 1.54 -4.15 9.76
C ALA B 249 0.51 -3.04 9.53
N PRO B 250 -0.53 -3.31 8.73
CA PRO B 250 -1.57 -2.30 8.53
C PRO B 250 -2.12 -1.80 9.86
N ALA B 251 -2.15 -0.48 10.02
CA ALA B 251 -2.49 0.17 11.28
C ALA B 251 -3.85 0.83 11.20
N GLY B 252 -4.65 0.65 12.26
CA GLY B 252 -5.97 1.24 12.31
C GLY B 252 -5.98 2.69 12.75
N ILE B 253 -5.30 3.53 11.97
CA ILE B 253 -5.23 4.97 12.22
C ILE B 253 -5.60 5.71 10.95
N GLY B 254 -5.99 6.97 11.10
CA GLY B 254 -6.47 7.75 9.99
C GLY B 254 -5.43 8.58 9.25
N LEU B 255 -4.17 8.56 9.70
CA LEU B 255 -3.13 9.45 9.21
C LEU B 255 -3.11 9.52 7.68
N ARG B 256 -3.21 10.72 7.15
CA ARG B 256 -3.07 10.97 5.72
C ARG B 256 -1.67 11.45 5.34
N ARG B 257 -1.11 12.36 6.11
CA ARG B 257 0.10 13.07 5.73
C ARG B 257 1.36 12.33 6.19
N ALA B 258 2.45 12.60 5.47
CA ALA B 258 3.77 12.17 5.90
C ALA B 258 4.26 13.10 7.01
N LEU B 259 4.92 12.52 8.00
CA LEU B 259 5.40 13.26 9.17
C LEU B 259 6.92 13.22 9.22
N ARG B 260 7.52 14.35 9.56
CA ARG B 260 8.95 14.43 9.82
C ARG B 260 9.12 15.16 11.14
N THR B 261 9.45 14.39 12.18
CA THR B 261 9.37 14.86 13.56
C THR B 261 10.73 14.69 14.23
N PRO B 262 10.95 15.29 15.40
CA PRO B 262 12.27 15.12 16.06
C PRO B 262 12.60 13.69 16.41
N LEU B 263 11.60 12.86 16.72
CA LEU B 263 11.85 11.49 17.15
C LEU B 263 11.86 10.49 16.01
N VAL B 264 11.06 10.73 14.97
CA VAL B 264 10.86 9.74 13.93
C VAL B 264 10.29 10.42 12.69
N ASN B 265 10.72 9.94 11.53
CA ASN B 265 10.08 10.27 10.27
C ASN B 265 9.17 9.10 9.91
N ARG B 267 5.35 7.79 7.78
CA ARG B 267 4.38 8.15 6.76
C ARG B 267 3.60 6.90 6.38
N PRO B 268 2.38 7.07 5.85
CA PRO B 268 1.67 5.94 5.26
C PRO B 268 2.50 5.32 4.14
N ASP B 269 2.38 4.00 3.99
CA ASP B 269 3.08 3.31 2.92
C ASP B 269 2.21 2.26 2.22
N GLY B 270 0.89 2.33 2.39
CA GLY B 270 0.01 1.45 1.65
C GLY B 270 -0.86 0.57 2.53
N ALA B 271 -2.18 0.71 2.38
CA ALA B 271 -3.17 -0.12 3.06
C ALA B 271 -3.15 0.03 4.57
N GLY B 272 -2.57 1.11 5.08
CA GLY B 272 -2.46 1.32 6.50
C GLY B 272 -1.08 1.05 7.08
N ARG B 273 -0.19 0.45 6.30
CA ARG B 273 1.18 0.26 6.75
C ARG B 273 1.84 1.61 6.97
N LEU B 274 2.78 1.65 7.91
CA LEU B 274 3.55 2.85 8.20
C LEU B 274 5.03 2.56 8.01
N LEU B 275 5.70 3.49 7.32
CA LEU B 275 7.15 3.47 7.17
C LEU B 275 7.74 4.33 8.29
N LEU B 276 8.75 3.80 8.98
CA LEU B 276 9.37 4.49 10.11
C LEU B 276 10.89 4.51 9.94
N ARG B 277 11.49 5.66 10.21
CA ARG B 277 12.95 5.78 10.16
C ARG B 277 13.40 6.99 10.98
N SER B 278 14.70 7.04 11.27
CA SER B 278 15.27 8.13 12.06
C SER B 278 16.77 8.20 11.80
N ASN B 279 17.25 9.41 11.51
CA ASN B 279 18.69 9.63 11.33
C ASN B 279 19.46 9.27 12.59
N GLU B 280 18.94 9.68 13.74
CA GLU B 280 19.62 9.40 15.01
C GLU B 280 19.80 7.90 15.22
N LEU B 281 18.76 7.11 14.94
CA LEU B 281 18.85 5.67 15.15
C LEU B 281 19.74 5.00 14.10
N ASP B 282 19.82 5.58 12.89
CA ASP B 282 20.69 5.02 11.86
C ASP B 282 22.14 4.99 12.33
N GLN B 283 22.54 5.94 13.18
CA GLN B 283 23.91 5.96 13.70
C GLN B 283 24.24 4.73 14.52
N LEU B 284 23.23 4.01 15.01
CA LEU B 284 23.44 2.83 15.85
C LEU B 284 23.37 1.52 15.07
N VAL B 285 23.10 1.58 13.76
CA VAL B 285 22.94 0.39 12.95
C VAL B 285 24.27 0.05 12.29
N GLY B 286 24.62 -1.24 12.31
CA GLY B 286 25.80 -1.71 11.61
C GLY B 286 25.52 -2.00 10.14
N ASN B 287 26.56 -1.84 9.32
CA ASN B 287 26.39 -1.96 7.88
C ASN B 287 25.93 -3.36 7.45
N HIS B 288 26.29 -4.39 8.22
CA HIS B 288 25.92 -5.75 7.90
C HIS B 288 24.98 -6.34 8.95
N ASP B 289 24.24 -5.50 9.67
CA ASP B 289 23.19 -5.99 10.56
C ASP B 289 22.16 -6.76 9.75
N ALA B 290 21.71 -7.88 10.30
CA ALA B 290 20.58 -8.57 9.72
C ALA B 290 19.33 -7.71 9.92
N PRO B 291 18.47 -7.60 8.89
CA PRO B 291 17.24 -6.80 9.04
C PRO B 291 16.15 -7.55 9.80
N ALA B 292 16.47 -7.93 11.04
CA ALA B 292 15.55 -8.71 11.84
C ALA B 292 14.34 -7.87 12.25
N LEU B 293 13.18 -8.53 12.34
CA LEU B 293 11.97 -7.85 12.76
C LEU B 293 12.05 -7.32 14.18
N ASP B 294 12.93 -7.90 15.00
CA ASP B 294 13.16 -7.43 16.36
C ASP B 294 14.51 -6.73 16.50
N HIS B 295 15.02 -6.17 15.41
CA HIS B 295 16.24 -5.38 15.46
C HIS B 295 16.08 -4.28 16.51
N PRO B 296 17.08 -4.04 17.36
CA PRO B 296 16.90 -3.09 18.47
C PRO B 296 16.44 -1.71 18.03
N GLN B 297 16.91 -1.22 16.89
CA GLN B 297 16.50 0.09 16.41
C GLN B 297 15.14 0.05 15.73
N ALA B 298 14.76 -1.09 15.15
CA ALA B 298 13.40 -1.23 14.64
C ALA B 298 12.38 -1.18 15.76
N LEU B 299 12.67 -1.87 16.87
CA LEU B 299 11.77 -1.82 18.02
C LEU B 299 11.67 -0.41 18.59
N GLU B 300 12.79 0.32 18.62
CA GLU B 300 12.74 1.69 19.13
C GLU B 300 11.99 2.61 18.17
N LEU B 301 12.10 2.38 16.86
CA LEU B 301 11.29 3.14 15.91
C LEU B 301 9.80 2.96 16.19
N LEU B 302 9.38 1.73 16.46
CA LEU B 302 7.97 1.47 16.75
C LEU B 302 7.53 2.20 18.02
N ARG B 303 8.36 2.20 19.05
CA ARG B 303 8.02 2.92 20.27
C ARG B 303 7.88 4.41 20.01
N ARG B 304 8.80 4.99 19.25
CA ARG B 304 8.73 6.41 18.94
C ARG B 304 7.50 6.73 18.09
N ALA B 305 7.13 5.81 17.19
CA ALA B 305 5.93 6.01 16.38
C ALA B 305 4.68 6.02 17.25
N GLU B 306 4.58 5.10 18.21
CA GLU B 306 3.43 5.09 19.10
C GLU B 306 3.41 6.31 20.01
N ALA B 307 4.58 6.79 20.43
CA ALA B 307 4.62 8.02 21.21
C ALA B 307 4.11 9.21 20.41
N THR B 308 4.30 9.18 19.09
CA THR B 308 3.82 10.26 18.22
C THR B 308 2.35 10.11 17.90
N VAL B 309 1.91 8.88 17.61
CA VAL B 309 0.50 8.60 17.34
C VAL B 309 0.05 7.48 18.27
N PRO B 310 -0.46 7.79 19.47
CA PRO B 310 -0.84 6.74 20.42
C PRO B 310 -1.85 5.74 19.89
N ALA B 311 -2.67 6.13 18.90
CA ALA B 311 -3.63 5.20 18.31
C ALA B 311 -2.97 4.00 17.64
N LEU B 312 -1.64 3.98 17.54
CA LEU B 312 -0.88 2.87 17.00
C LEU B 312 -0.75 1.71 17.98
N ALA B 313 -1.41 1.77 19.14
CA ALA B 313 -1.27 0.73 20.15
C ALA B 313 -1.54 -0.65 19.57
N SER B 314 -0.66 -1.59 19.89
CA SER B 314 -0.73 -3.01 19.54
C SER B 314 -0.37 -3.30 18.08
N VAL B 315 -0.02 -2.31 17.27
CA VAL B 315 0.45 -2.56 15.91
C VAL B 315 1.92 -2.97 15.98
N GLY B 316 2.26 -4.05 15.31
CA GLY B 316 3.61 -4.58 15.32
C GLY B 316 4.38 -4.28 14.05
N ILE B 317 5.65 -4.66 14.07
CA ILE B 317 6.53 -4.53 12.91
C ILE B 317 6.31 -5.73 12.00
N GLU B 318 6.10 -5.47 10.71
CA GLU B 318 5.93 -6.53 9.72
C GLU B 318 7.14 -6.70 8.81
N ALA B 319 7.93 -5.65 8.60
CA ALA B 319 9.10 -5.76 7.74
C ALA B 319 10.17 -4.79 8.23
N VAL B 320 11.42 -5.15 7.97
CA VAL B 320 12.57 -4.29 8.22
C VAL B 320 13.49 -4.39 7.01
N ARG B 321 13.93 -3.24 6.50
CA ARG B 321 14.84 -3.19 5.37
C ARG B 321 16.03 -2.29 5.71
N ILE B 322 17.19 -2.66 5.19
CA ILE B 322 18.43 -1.93 5.44
C ILE B 322 19.08 -1.63 4.09
N ALA B 323 19.61 -0.43 3.93
CA ALA B 323 20.25 -0.01 2.69
C ALA B 323 21.45 0.87 3.01
N ILE B 324 22.29 1.08 2.00
CA ILE B 324 23.47 1.91 2.11
C ILE B 324 23.29 3.13 1.22
N ARG B 325 23.53 4.31 1.78
CA ARG B 325 23.54 5.52 0.98
C ARG B 325 24.95 5.84 0.58
N PRO B 326 25.23 6.01 -0.72
CA PRO B 326 26.62 6.26 -1.14
C PRO B 326 27.21 7.54 -0.60
N ILE B 327 26.41 8.60 -0.46
CA ILE B 327 26.91 9.90 -0.03
C ILE B 327 25.91 10.55 0.89
N PRO B 328 26.40 11.29 1.89
CA PRO B 328 25.50 11.85 2.91
C PRO B 328 24.84 13.17 2.56
N GLN B 329 25.20 13.82 1.45
CA GLN B 329 24.62 15.11 1.11
C GLN B 329 24.69 15.33 -0.38
N ASP B 330 23.82 16.22 -0.88
CA ASP B 330 23.66 16.42 -2.31
C ASP B 330 24.95 16.93 -2.96
N SER B 331 25.76 17.69 -2.22
CA SER B 331 26.96 18.29 -2.83
C SER B 331 28.04 17.28 -3.16
N TYR B 332 27.91 16.03 -2.69
CA TYR B 332 28.85 14.97 -3.07
C TYR B 332 28.46 14.29 -4.37
N SER B 333 27.36 14.71 -5.01
CA SER B 333 26.81 13.95 -6.13
C SER B 333 27.70 14.02 -7.36
N ALA B 334 27.66 12.94 -8.15
CA ALA B 334 28.40 12.84 -9.41
C ALA B 334 27.40 12.36 -10.46
N VAL B 335 26.90 13.29 -11.27
CA VAL B 335 25.91 12.99 -12.30
C VAL B 335 26.38 13.66 -13.59
N GLY B 336 26.85 12.87 -14.55
CA GLY B 336 27.31 13.40 -15.80
C GLY B 336 28.43 12.57 -16.41
N PRO B 337 29.10 13.12 -17.42
CA PRO B 337 30.17 12.38 -18.09
C PRO B 337 31.44 12.33 -17.25
N VAL B 338 32.18 11.25 -17.44
CA VAL B 338 33.42 10.99 -16.70
C VAL B 338 34.58 11.32 -17.63
N PRO B 339 35.57 12.11 -17.18
CA PRO B 339 36.48 12.76 -18.13
C PRO B 339 37.46 11.84 -18.85
N ASN B 340 38.12 10.93 -18.15
CA ASN B 340 39.23 10.17 -18.75
C ASN B 340 38.78 8.91 -19.48
N LEU B 341 37.54 8.88 -19.96
CA LEU B 341 37.01 7.73 -20.68
C LEU B 341 35.81 8.19 -21.49
N GLY B 342 35.87 8.00 -22.81
CA GLY B 342 34.80 8.48 -23.67
C GLY B 342 33.55 7.62 -23.58
N ASN B 343 32.42 8.24 -23.88
CA ASN B 343 31.13 7.55 -23.99
C ASN B 343 30.66 6.93 -22.67
N TYR B 344 31.08 7.50 -21.54
CA TYR B 344 30.79 6.91 -20.23
C TYR B 344 30.22 7.97 -19.30
N TRP B 345 29.06 7.68 -18.71
CA TRP B 345 28.39 8.57 -17.77
C TRP B 345 28.15 7.82 -16.47
N VAL B 346 28.03 8.57 -15.38
CA VAL B 346 27.77 8.01 -14.06
C VAL B 346 26.71 8.85 -13.37
N ALA B 347 25.94 8.21 -12.48
CA ALA B 347 24.93 8.89 -11.68
C ALA B 347 25.02 8.36 -10.25
N VAL B 348 25.51 9.21 -9.35
CA VAL B 348 25.53 8.93 -7.91
C VAL B 348 24.93 10.16 -7.23
N THR B 349 23.86 9.95 -6.46
CA THR B 349 23.10 11.05 -5.89
C THR B 349 22.84 10.80 -4.40
N HIS B 350 22.41 11.86 -3.72
CA HIS B 350 21.83 11.74 -2.39
C HIS B 350 20.31 11.76 -2.42
N SER B 351 19.72 12.71 -3.14
CA SER B 351 18.27 12.82 -3.27
C SER B 351 17.81 12.18 -4.58
N GLY B 352 18.12 10.89 -4.71
CA GLY B 352 17.92 10.20 -5.98
C GLY B 352 16.47 10.04 -6.38
N VAL B 353 15.58 9.89 -5.39
CA VAL B 353 14.16 9.81 -5.71
C VAL B 353 13.67 11.14 -6.29
N THR B 354 13.92 12.23 -5.58
CA THR B 354 13.51 13.55 -6.06
C THR B 354 14.06 13.84 -7.44
N LEU B 355 15.32 13.48 -7.70
CA LEU B 355 15.99 13.84 -8.93
C LEU B 355 15.86 12.82 -10.04
N GLY B 356 15.26 11.66 -9.77
CA GLY B 356 15.34 10.54 -10.70
C GLY B 356 14.80 10.86 -12.08
N ALA B 357 13.57 11.37 -12.15
CA ALA B 357 12.96 11.65 -13.45
C ALA B 357 13.74 12.73 -14.20
N PHE B 358 14.17 13.78 -13.51
CA PHE B 358 14.90 14.85 -14.18
C PHE B 358 16.26 14.36 -14.66
N ILE B 359 16.97 13.58 -13.86
CA ILE B 359 18.24 13.00 -14.31
C ILE B 359 18.03 12.16 -15.54
N GLY B 360 16.90 11.45 -15.61
CA GLY B 360 16.59 10.66 -16.79
C GLY B 360 16.54 11.49 -18.06
N GLU B 361 15.80 12.59 -18.04
CA GLU B 361 15.72 13.44 -19.23
C GLU B 361 17.02 14.20 -19.47
N ALA B 362 17.74 14.57 -18.40
CA ALA B 362 18.96 15.34 -18.56
C ALA B 362 20.08 14.49 -19.17
N LEU B 363 20.28 13.28 -18.65
CA LEU B 363 21.32 12.41 -19.19
C LEU B 363 20.94 11.88 -20.57
N ALA B 364 19.65 11.62 -20.81
CA ALA B 364 19.23 11.23 -22.15
C ALA B 364 19.55 12.33 -23.16
N ASP B 365 19.37 13.59 -22.75
CA ASP B 365 19.70 14.71 -23.64
C ASP B 365 21.19 14.74 -23.95
N GLU B 366 22.03 14.52 -22.95
CA GLU B 366 23.48 14.51 -23.18
C GLU B 366 23.87 13.39 -24.12
N VAL B 367 23.38 12.17 -23.85
CA VAL B 367 23.78 11.01 -24.62
C VAL B 367 23.30 11.12 -26.07
N LEU B 368 22.05 11.56 -26.26
CA LEU B 368 21.46 11.55 -27.60
C LEU B 368 21.87 12.78 -28.40
N ASN B 369 21.98 13.95 -27.76
CA ASN B 369 22.15 15.20 -28.47
C ASN B 369 23.45 15.93 -28.15
N GLY B 370 24.25 15.41 -27.22
CA GLY B 370 25.45 16.14 -26.82
C GLY B 370 25.18 17.46 -26.15
N ARG B 371 23.98 17.64 -25.59
CA ARG B 371 23.57 18.89 -24.96
C ARG B 371 23.51 18.69 -23.45
N PRO B 372 24.58 18.98 -22.72
CA PRO B 372 24.52 18.85 -21.26
C PRO B 372 23.63 19.92 -20.65
N ARG B 373 22.70 19.48 -19.81
CA ARG B 373 21.83 20.41 -19.12
C ARG B 373 22.67 21.28 -18.18
N PRO B 374 22.43 22.59 -18.13
CA PRO B 374 23.17 23.43 -17.18
C PRO B 374 22.80 23.17 -15.74
N GLU B 375 21.62 22.60 -15.46
CA GLU B 375 21.24 22.30 -14.09
C GLU B 375 22.14 21.25 -13.46
N LEU B 376 22.87 20.49 -14.27
CA LEU B 376 23.77 19.46 -13.78
C LEU B 376 25.20 19.94 -13.60
N ASP B 377 25.47 21.23 -13.80
CA ASP B 377 26.85 21.72 -13.82
C ASP B 377 27.53 21.49 -12.47
N ASP B 378 26.82 21.72 -11.37
CA ASP B 378 27.42 21.54 -10.05
C ASP B 378 27.62 20.07 -9.70
N PHE B 379 27.11 19.15 -10.50
CA PHE B 379 27.24 17.71 -10.26
C PHE B 379 28.23 17.05 -11.21
N ARG B 380 28.95 17.81 -12.02
CA ARG B 380 29.87 17.25 -13.01
C ARG B 380 30.90 16.36 -12.34
N PRO B 381 31.02 15.10 -12.74
CA PRO B 381 32.12 14.27 -12.20
C PRO B 381 33.49 14.84 -12.48
N ALA B 382 33.64 15.64 -13.54
CA ALA B 382 34.94 16.20 -13.89
C ALA B 382 35.48 17.13 -12.81
N ARG B 383 34.63 17.66 -11.95
CA ARG B 383 35.11 18.54 -10.88
C ARG B 383 35.98 17.81 -9.87
N PHE B 384 35.86 16.48 -9.78
CA PHE B 384 36.71 15.70 -8.90
C PHE B 384 38.07 15.38 -9.52
N PHE B 385 38.27 15.69 -10.80
CA PHE B 385 39.51 15.41 -11.51
C PHE B 385 40.10 16.75 -11.94
N GLU B 386 40.71 17.44 -11.00
CA GLU B 386 41.27 18.78 -11.20
C GLU B 386 40.20 19.77 -11.68
#